data_8FEO
# 
_entry.id   8FEO 
# 
_audit_conform.dict_name       mmcif_pdbx.dic 
_audit_conform.dict_version    5.387 
_audit_conform.dict_location   http://mmcif.pdb.org/dictionaries/ascii/mmcif_pdbx.dic 
# 
loop_
_database_2.database_id 
_database_2.database_code 
_database_2.pdbx_database_accession 
_database_2.pdbx_DOI 
PDB   8FEO         pdb_00008feo 10.2210/pdb8feo/pdb 
WWPDB D_1000270468 ?            ?                   
# 
loop_
_pdbx_audit_revision_history.ordinal 
_pdbx_audit_revision_history.data_content_type 
_pdbx_audit_revision_history.major_revision 
_pdbx_audit_revision_history.minor_revision 
_pdbx_audit_revision_history.revision_date 
1 'Structure model' 1 0 2024-01-24 
2 'Structure model' 1 1 2024-01-31 
3 'Structure model' 1 2 2024-02-14 
4 'Structure model' 1 3 2024-02-21 
# 
_pdbx_audit_revision_details.ordinal             1 
_pdbx_audit_revision_details.revision_ordinal    1 
_pdbx_audit_revision_details.data_content_type   'Structure model' 
_pdbx_audit_revision_details.provider            repository 
_pdbx_audit_revision_details.type                'Initial release' 
_pdbx_audit_revision_details.description         ? 
_pdbx_audit_revision_details.details             ? 
# 
loop_
_pdbx_audit_revision_group.ordinal 
_pdbx_audit_revision_group.revision_ordinal 
_pdbx_audit_revision_group.data_content_type 
_pdbx_audit_revision_group.group 
1 2 'Structure model' 'Database references' 
2 3 'Structure model' 'Database references' 
3 4 'Structure model' 'Database references' 
# 
loop_
_pdbx_audit_revision_category.ordinal 
_pdbx_audit_revision_category.revision_ordinal 
_pdbx_audit_revision_category.data_content_type 
_pdbx_audit_revision_category.category 
1 2 'Structure model' citation        
2 2 'Structure model' citation_author 
3 3 'Structure model' citation        
4 3 'Structure model' citation_author 
5 4 'Structure model' citation        
# 
loop_
_pdbx_audit_revision_item.ordinal 
_pdbx_audit_revision_item.revision_ordinal 
_pdbx_audit_revision_item.data_content_type 
_pdbx_audit_revision_item.item 
1  2 'Structure model' '_citation.title'                   
2  3 'Structure model' '_citation.country'                 
3  3 'Structure model' '_citation.journal_abbrev'          
4  3 'Structure model' '_citation.journal_id_ASTM'         
5  3 'Structure model' '_citation.journal_id_CSD'          
6  3 'Structure model' '_citation.journal_id_ISSN'         
7  3 'Structure model' '_citation.pdbx_database_id_DOI'    
8  3 'Structure model' '_citation.pdbx_database_id_PubMed' 
9  3 'Structure model' '_citation.title'                   
10 3 'Structure model' '_citation.year'                    
11 3 'Structure model' '_citation_author.identifier_ORCID' 
12 3 'Structure model' '_citation_author.name'             
13 4 'Structure model' '_citation.journal_volume'          
14 4 'Structure model' '_citation.page_first'              
15 4 'Structure model' '_citation.page_last'               
# 
_pdbx_database_status.status_code                     REL 
_pdbx_database_status.status_code_sf                  REL 
_pdbx_database_status.status_code_mr                  ? 
_pdbx_database_status.entry_id                        8FEO 
_pdbx_database_status.recvd_initial_deposition_date   2022-12-06 
_pdbx_database_status.SG_entry                        N 
_pdbx_database_status.deposit_site                    RCSB 
_pdbx_database_status.process_site                    RCSB 
_pdbx_database_status.status_code_cs                  ? 
_pdbx_database_status.status_code_nmr_data            ? 
_pdbx_database_status.methods_development_category    ? 
_pdbx_database_status.pdb_format_compatible           N 
# 
_pdbx_contact_author.id                 3 
_pdbx_contact_author.email              jwszostak@uchicago.edu 
_pdbx_contact_author.name_first         Jack 
_pdbx_contact_author.name_last          Szostak 
_pdbx_contact_author.name_mi            W. 
_pdbx_contact_author.role               'principal investigator/group leader' 
_pdbx_contact_author.identifier_ORCID   0000-0003-4131-1203 
# 
loop_
_audit_author.name 
_audit_author.pdbx_ordinal 
_audit_author.identifier_ORCID 
'Fang, Z.'      1 0000-0001-8679-6633 
'Szostak, J.W.' 2 0000-0003-4131-1203 
# 
_citation.abstract                  ? 
_citation.abstract_id_CAS           ? 
_citation.book_id_ISBN              ? 
_citation.book_publisher            ? 
_citation.book_publisher_city       ? 
_citation.book_title                ? 
_citation.coordinate_linkage        ? 
_citation.country                   US 
_citation.database_id_Medline       ? 
_citation.details                   ? 
_citation.id                        primary 
_citation.journal_abbrev            J.Am.Chem.Soc. 
_citation.journal_id_ASTM           JACSAT 
_citation.journal_id_CSD            ? 
_citation.journal_id_ISSN           1520-5126 
_citation.journal_full              ? 
_citation.journal_issue             ? 
_citation.journal_volume            146 
_citation.language                  ? 
_citation.page_first                3861 
_citation.page_last                 3871 
_citation.title                     
'Unusual Base Pair between Two 2-Thiouridines and Its Implication for Nonenzymatic RNA Copying.' 
_citation.year                      2024 
_citation.database_id_CSD           ? 
_citation.pdbx_database_id_DOI      10.1021/jacs.3c11158 
_citation.pdbx_database_id_PubMed   38293747 
_citation.pdbx_database_id_patent   ? 
_citation.unpublished_flag          ? 
# 
loop_
_citation_author.citation_id 
_citation_author.name 
_citation_author.ordinal 
_citation_author.identifier_ORCID 
primary 'Ding, D.'         1 0000-0001-9046-7816 
primary 'Fang, Z.'         2 0000-0001-8679-6633 
primary 'Kim, S.C.'        3 0000-0002-2230-1774 
primary 
;O'Flaherty, D.K.
;
4 0000-0003-3693-6380 
primary 'Jia, X.'          5 0000-0001-9094-9882 
primary 'Stone, T.B.'      6 ?                   
primary 'Zhou, L.'         7 0000-0002-0393-4787 
primary 'Szostak, J.W.'    8 0000-0003-4131-1203 
# 
loop_
_entity.id 
_entity.type 
_entity.src_method 
_entity.pdbx_description 
_entity.formula_weight 
_entity.pdbx_number_of_molecules 
_entity.pdbx_ec 
_entity.pdbx_mutation 
_entity.pdbx_fragment 
_entity.details 
1 polymer     syn 'RNA 16mer'     5060.023 1  ? ? ? ? 
2 non-polymer syn 'STRONTIUM ION' 87.620   1  ? ? ? ? 
3 non-polymer syn 'MAGNESIUM ION' 24.305   1  ? ? ? ? 
4 water       nat water           18.015   73 ? ? ? ? 
# 
_entity_poly.entity_id                      1 
_entity_poly.type                           polyribonucleotide 
_entity_poly.nstd_linkage                   no 
_entity_poly.nstd_monomer                   no 
_entity_poly.pdbx_seq_one_letter_code       AGAGUAGAUCUUCUCU 
_entity_poly.pdbx_seq_one_letter_code_can   AGAGUAGAUCUUCUCU 
_entity_poly.pdbx_strand_id                 AAA 
_entity_poly.pdbx_target_identifier         ? 
# 
loop_
_pdbx_entity_nonpoly.entity_id 
_pdbx_entity_nonpoly.name 
_pdbx_entity_nonpoly.comp_id 
2 'STRONTIUM ION' SR  
3 'MAGNESIUM ION' MG  
4 water           HOH 
# 
loop_
_entity_poly_seq.entity_id 
_entity_poly_seq.num 
_entity_poly_seq.mon_id 
_entity_poly_seq.hetero 
1 1  A n 
1 2  G n 
1 3  A n 
1 4  G n 
1 5  U n 
1 6  A n 
1 7  G n 
1 8  A n 
1 9  U n 
1 10 C n 
1 11 U n 
1 12 U n 
1 13 C n 
1 14 U n 
1 15 C n 
1 16 U n 
# 
_pdbx_entity_src_syn.entity_id              1 
_pdbx_entity_src_syn.pdbx_src_id            1 
_pdbx_entity_src_syn.pdbx_alt_source_flag   sample 
_pdbx_entity_src_syn.pdbx_beg_seq_num       1 
_pdbx_entity_src_syn.pdbx_end_seq_num       16 
_pdbx_entity_src_syn.organism_scientific    'synthetic construct' 
_pdbx_entity_src_syn.organism_common_name   ? 
_pdbx_entity_src_syn.ncbi_taxonomy_id       32630 
_pdbx_entity_src_syn.details                ? 
# 
loop_
_chem_comp.id 
_chem_comp.type 
_chem_comp.mon_nstd_flag 
_chem_comp.name 
_chem_comp.pdbx_synonyms 
_chem_comp.formula 
_chem_comp.formula_weight 
A   'RNA linking' y "ADENOSINE-5'-MONOPHOSPHATE" ? 'C10 H14 N5 O7 P' 347.221 
C   'RNA linking' y "CYTIDINE-5'-MONOPHOSPHATE"  ? 'C9 H14 N3 O8 P'  323.197 
G   'RNA linking' y "GUANOSINE-5'-MONOPHOSPHATE" ? 'C10 H14 N5 O8 P' 363.221 
HOH non-polymer   . WATER                        ? 'H2 O'            18.015  
MG  non-polymer   . 'MAGNESIUM ION'              ? 'Mg 2'            24.305  
SR  non-polymer   . 'STRONTIUM ION'              ? 'Sr 2'            87.620  
U   'RNA linking' y "URIDINE-5'-MONOPHOSPHATE"   ? 'C9 H13 N2 O9 P'  324.181 
# 
loop_
_pdbx_poly_seq_scheme.asym_id 
_pdbx_poly_seq_scheme.entity_id 
_pdbx_poly_seq_scheme.seq_id 
_pdbx_poly_seq_scheme.mon_id 
_pdbx_poly_seq_scheme.ndb_seq_num 
_pdbx_poly_seq_scheme.pdb_seq_num 
_pdbx_poly_seq_scheme.auth_seq_num 
_pdbx_poly_seq_scheme.pdb_mon_id 
_pdbx_poly_seq_scheme.auth_mon_id 
_pdbx_poly_seq_scheme.pdb_strand_id 
_pdbx_poly_seq_scheme.pdb_ins_code 
_pdbx_poly_seq_scheme.hetero 
A 1 1  A 1  1  1  A A AAA . n 
A 1 2  G 2  2  2  G G AAA . n 
A 1 3  A 3  3  3  A A AAA . n 
A 1 4  G 4  4  4  G G AAA . n 
A 1 5  U 5  5  5  U U AAA . n 
A 1 6  A 6  6  6  A A AAA . n 
A 1 7  G 7  7  7  G G AAA . n 
A 1 8  A 8  8  8  A A AAA . n 
A 1 9  U 9  9  9  U U AAA . n 
A 1 10 C 10 10 10 C C AAA . n 
A 1 11 U 11 11 11 U U AAA . n 
A 1 12 U 12 12 12 U U AAA . n 
A 1 13 C 13 13 13 C C AAA . n 
A 1 14 U 14 14 14 U U AAA . n 
A 1 15 C 15 15 15 C C AAA . n 
A 1 16 U 16 16 16 U U AAA . n 
# 
loop_
_pdbx_nonpoly_scheme.asym_id 
_pdbx_nonpoly_scheme.entity_id 
_pdbx_nonpoly_scheme.mon_id 
_pdbx_nonpoly_scheme.ndb_seq_num 
_pdbx_nonpoly_scheme.pdb_seq_num 
_pdbx_nonpoly_scheme.auth_seq_num 
_pdbx_nonpoly_scheme.pdb_mon_id 
_pdbx_nonpoly_scheme.auth_mon_id 
_pdbx_nonpoly_scheme.pdb_strand_id 
_pdbx_nonpoly_scheme.pdb_ins_code 
B 2 SR  1  101 1  SR  SR  AAA . 
C 3 MG  1  102 1  MG  MG  AAA . 
D 4 HOH 1  201 72 HOH HOH AAA . 
D 4 HOH 2  202 75 HOH HOH AAA . 
D 4 HOH 3  203 57 HOH HOH AAA . 
D 4 HOH 4  204 73 HOH HOH AAA . 
D 4 HOH 5  205 21 HOH HOH AAA . 
D 4 HOH 6  206 37 HOH HOH AAA . 
D 4 HOH 7  207 54 HOH HOH AAA . 
D 4 HOH 8  208 26 HOH HOH AAA . 
D 4 HOH 9  209 7  HOH HOH AAA . 
D 4 HOH 10 210 8  HOH HOH AAA . 
D 4 HOH 11 211 1  HOH HOH AAA . 
D 4 HOH 12 212 38 HOH HOH AAA . 
D 4 HOH 13 213 13 HOH HOH AAA . 
D 4 HOH 14 214 3  HOH HOH AAA . 
D 4 HOH 15 215 18 HOH HOH AAA . 
D 4 HOH 16 216 16 HOH HOH AAA . 
D 4 HOH 17 217 20 HOH HOH AAA . 
D 4 HOH 18 218 5  HOH HOH AAA . 
D 4 HOH 19 219 19 HOH HOH AAA . 
D 4 HOH 20 220 67 HOH HOH AAA . 
D 4 HOH 21 221 33 HOH HOH AAA . 
D 4 HOH 22 222 41 HOH HOH AAA . 
D 4 HOH 23 223 55 HOH HOH AAA . 
D 4 HOH 24 224 68 HOH HOH AAA . 
D 4 HOH 25 225 36 HOH HOH AAA . 
D 4 HOH 26 226 22 HOH HOH AAA . 
D 4 HOH 27 227 53 HOH HOH AAA . 
D 4 HOH 28 228 25 HOH HOH AAA . 
D 4 HOH 29 229 27 HOH HOH AAA . 
D 4 HOH 30 230 63 HOH HOH AAA . 
D 4 HOH 31 231 64 HOH HOH AAA . 
D 4 HOH 32 232 46 HOH HOH AAA . 
D 4 HOH 33 233 9  HOH HOH AAA . 
D 4 HOH 34 234 59 HOH HOH AAA . 
D 4 HOH 35 235 6  HOH HOH AAA . 
D 4 HOH 36 236 23 HOH HOH AAA . 
D 4 HOH 37 237 4  HOH HOH AAA . 
D 4 HOH 38 238 43 HOH HOH AAA . 
D 4 HOH 39 239 10 HOH HOH AAA . 
D 4 HOH 40 240 71 HOH HOH AAA . 
D 4 HOH 41 241 61 HOH HOH AAA . 
D 4 HOH 42 242 28 HOH HOH AAA . 
D 4 HOH 43 243 48 HOH HOH AAA . 
D 4 HOH 44 244 58 HOH HOH AAA . 
D 4 HOH 45 245 31 HOH HOH AAA . 
D 4 HOH 46 246 2  HOH HOH AAA . 
D 4 HOH 47 247 60 HOH HOH AAA . 
D 4 HOH 48 248 42 HOH HOH AAA . 
D 4 HOH 49 249 56 HOH HOH AAA . 
D 4 HOH 50 250 17 HOH HOH AAA . 
D 4 HOH 51 251 15 HOH HOH AAA . 
D 4 HOH 52 252 14 HOH HOH AAA . 
D 4 HOH 53 253 65 HOH HOH AAA . 
D 4 HOH 54 254 11 HOH HOH AAA . 
D 4 HOH 55 255 35 HOH HOH AAA . 
D 4 HOH 56 256 74 HOH HOH AAA . 
D 4 HOH 57 257 49 HOH HOH AAA . 
D 4 HOH 58 258 34 HOH HOH AAA . 
D 4 HOH 59 259 44 HOH HOH AAA . 
D 4 HOH 60 260 70 HOH HOH AAA . 
D 4 HOH 61 261 47 HOH HOH AAA . 
D 4 HOH 62 262 12 HOH HOH AAA . 
D 4 HOH 63 263 66 HOH HOH AAA . 
D 4 HOH 64 264 50 HOH HOH AAA . 
D 4 HOH 65 265 69 HOH HOH AAA . 
D 4 HOH 66 266 32 HOH HOH AAA . 
D 4 HOH 67 267 30 HOH HOH AAA . 
D 4 HOH 68 268 52 HOH HOH AAA . 
D 4 HOH 69 269 29 HOH HOH AAA . 
D 4 HOH 70 270 62 HOH HOH AAA . 
D 4 HOH 71 271 51 HOH HOH AAA . 
D 4 HOH 72 272 40 HOH HOH AAA . 
D 4 HOH 73 273 45 HOH HOH AAA . 
# 
loop_
_software.citation_id 
_software.classification 
_software.compiler_name 
_software.compiler_version 
_software.contact_author 
_software.contact_author_email 
_software.date 
_software.description 
_software.dependencies 
_software.hardware 
_software.language 
_software.location 
_software.mods 
_software.name 
_software.os 
_software.os_version 
_software.type 
_software.version 
_software.pdbx_ordinal 
? refinement       ? ? ? ? ? ? ? ? ? ? ? REFMAC ? ? ? 5.8.0267 1 
? 'data reduction' ? ? ? ? ? ? ? ? ? ? ? xia2   ? ? ? .        2 
? 'data scaling'   ? ? ? ? ? ? ? ? ? ? ? DIALS  ? ? ? .        3 
? phasing          ? ? ? ? ? ? ? ? ? ? ? PHASER ? ? ? .        4 
# 
_cell.angle_alpha                  90.000 
_cell.angle_alpha_esd              ? 
_cell.angle_beta                   90.000 
_cell.angle_beta_esd               ? 
_cell.angle_gamma                  120.000 
_cell.angle_gamma_esd              ? 
_cell.entry_id                     8FEO 
_cell.details                      ? 
_cell.formula_units_Z              ? 
_cell.length_a                     41.503 
_cell.length_a_esd                 ? 
_cell.length_b                     41.503 
_cell.length_b_esd                 ? 
_cell.length_c                     125.299 
_cell.length_c_esd                 ? 
_cell.volume                       ? 
_cell.volume_esd                   ? 
_cell.Z_PDB                        18 
_cell.reciprocal_angle_alpha       ? 
_cell.reciprocal_angle_beta        ? 
_cell.reciprocal_angle_gamma       ? 
_cell.reciprocal_angle_alpha_esd   ? 
_cell.reciprocal_angle_beta_esd    ? 
_cell.reciprocal_angle_gamma_esd   ? 
_cell.reciprocal_length_a          ? 
_cell.reciprocal_length_b          ? 
_cell.reciprocal_length_c          ? 
_cell.reciprocal_length_a_esd      ? 
_cell.reciprocal_length_b_esd      ? 
_cell.reciprocal_length_c_esd      ? 
_cell.pdbx_unique_axis             ? 
_cell.pdbx_esd_method              ? 
# 
_symmetry.entry_id                         8FEO 
_symmetry.cell_setting                     ? 
_symmetry.Int_Tables_number                155 
_symmetry.space_group_name_Hall            ? 
_symmetry.space_group_name_H-M             'H 3 2' 
_symmetry.pdbx_full_space_group_name_H-M   ? 
# 
_exptl.absorpt_coefficient_mu     ? 
_exptl.absorpt_correction_T_max   ? 
_exptl.absorpt_correction_T_min   ? 
_exptl.absorpt_correction_type    ? 
_exptl.absorpt_process_details    ? 
_exptl.entry_id                   8FEO 
_exptl.crystals_number            1 
_exptl.details                    ? 
_exptl.method                     'X-RAY DIFFRACTION' 
_exptl.method_details             ? 
# 
_exptl_crystal.colour                       ? 
_exptl_crystal.density_diffrn               ? 
_exptl_crystal.density_Matthews             2.05 
_exptl_crystal.density_method               ? 
_exptl_crystal.density_percent_sol          40.06 
_exptl_crystal.description                  ? 
_exptl_crystal.F_000                        ? 
_exptl_crystal.id                           1 
_exptl_crystal.preparation                  ? 
_exptl_crystal.size_max                     ? 
_exptl_crystal.size_mid                     ? 
_exptl_crystal.size_min                     ? 
_exptl_crystal.size_rad                     ? 
_exptl_crystal.colour_lustre                ? 
_exptl_crystal.colour_modifier              ? 
_exptl_crystal.colour_primary               ? 
_exptl_crystal.density_meas                 ? 
_exptl_crystal.density_meas_esd             ? 
_exptl_crystal.density_meas_gt              ? 
_exptl_crystal.density_meas_lt              ? 
_exptl_crystal.density_meas_temp            ? 
_exptl_crystal.density_meas_temp_esd        ? 
_exptl_crystal.density_meas_temp_gt         ? 
_exptl_crystal.density_meas_temp_lt         ? 
_exptl_crystal.pdbx_crystal_image_url       ? 
_exptl_crystal.pdbx_crystal_image_format    ? 
_exptl_crystal.pdbx_mosaicity               ? 
_exptl_crystal.pdbx_mosaicity_esd           ? 
_exptl_crystal.pdbx_mosaic_method           ? 
_exptl_crystal.pdbx_mosaic_block_size       ? 
_exptl_crystal.pdbx_mosaic_block_size_esd   ? 
# 
_exptl_crystal_grow.apparatus       ? 
_exptl_crystal_grow.atmosphere      ? 
_exptl_crystal_grow.crystal_id      1 
_exptl_crystal_grow.details         ? 
_exptl_crystal_grow.method          'VAPOR DIFFUSION, SITTING DROP' 
_exptl_crystal_grow.method_ref      ? 
_exptl_crystal_grow.pH              7.0 
_exptl_crystal_grow.pressure        ? 
_exptl_crystal_grow.pressure_esd    ? 
_exptl_crystal_grow.seeding         ? 
_exptl_crystal_grow.seeding_ref     ? 
_exptl_crystal_grow.temp_details    ? 
_exptl_crystal_grow.temp_esd        ? 
_exptl_crystal_grow.time            ? 
_exptl_crystal_grow.pdbx_details    
;0.08 M Strontium chloride hexahydrate, 0.02 M Magnesium chloride hexahydrate, 0.04 M Sodium cacodylate trihydrate pH 7.0, 20% v/v (+/-)-2-Methyl-2,4-pentanediol, 0.012 M Spermine tetrahydrochloride
;
_exptl_crystal_grow.pdbx_pH_range   ? 
_exptl_crystal_grow.temp            293 
# 
_diffrn.ambient_environment              ? 
_diffrn.ambient_temp                     100 
_diffrn.ambient_temp_details             ? 
_diffrn.ambient_temp_esd                 ? 
_diffrn.crystal_id                       1 
_diffrn.crystal_support                  ? 
_diffrn.crystal_treatment                ? 
_diffrn.details                          ? 
_diffrn.id                               1 
_diffrn.ambient_pressure                 ? 
_diffrn.ambient_pressure_esd             ? 
_diffrn.ambient_pressure_gt              ? 
_diffrn.ambient_pressure_lt              ? 
_diffrn.ambient_temp_gt                  ? 
_diffrn.ambient_temp_lt                  ? 
_diffrn.pdbx_serial_crystal_experiment   N 
# 
_diffrn_detector.details                      ? 
_diffrn_detector.detector                     PIXEL 
_diffrn_detector.diffrn_id                    1 
_diffrn_detector.type                         'DECTRIS EIGER X 16M' 
_diffrn_detector.area_resol_mean              ? 
_diffrn_detector.dtime                        ? 
_diffrn_detector.pdbx_frames_total            ? 
_diffrn_detector.pdbx_collection_time_total   ? 
_diffrn_detector.pdbx_collection_date         2022-04-23 
_diffrn_detector.pdbx_frequency               ? 
# 
_diffrn_radiation.collimation                      ? 
_diffrn_radiation.diffrn_id                        1 
_diffrn_radiation.filter_edge                      ? 
_diffrn_radiation.inhomogeneity                    ? 
_diffrn_radiation.monochromator                    ? 
_diffrn_radiation.polarisn_norm                    ? 
_diffrn_radiation.polarisn_ratio                   ? 
_diffrn_radiation.probe                            ? 
_diffrn_radiation.type                             ? 
_diffrn_radiation.xray_symbol                      ? 
_diffrn_radiation.wavelength_id                    1 
_diffrn_radiation.pdbx_monochromatic_or_laue_m_l   M 
_diffrn_radiation.pdbx_wavelength_list             ? 
_diffrn_radiation.pdbx_wavelength                  ? 
_diffrn_radiation.pdbx_diffrn_protocol             'SINGLE WAVELENGTH' 
_diffrn_radiation.pdbx_analyzer                    ? 
_diffrn_radiation.pdbx_scattering_type             x-ray 
# 
_diffrn_radiation_wavelength.id           1 
_diffrn_radiation_wavelength.wavelength   1.033175 
_diffrn_radiation_wavelength.wt           1.0 
# 
_diffrn_source.current                     ? 
_diffrn_source.details                     ? 
_diffrn_source.diffrn_id                   1 
_diffrn_source.power                       ? 
_diffrn_source.size                        ? 
_diffrn_source.source                      SYNCHROTRON 
_diffrn_source.target                      ? 
_diffrn_source.type                        'APS BEAMLINE 23-ID-B' 
_diffrn_source.voltage                     ? 
_diffrn_source.take-off_angle              ? 
_diffrn_source.pdbx_wavelength_list        1.033175 
_diffrn_source.pdbx_wavelength             ? 
_diffrn_source.pdbx_synchrotron_beamline   23-ID-B 
_diffrn_source.pdbx_synchrotron_site       APS 
# 
_reflns.B_iso_Wilson_estimate                          ? 
_reflns.entry_id                                       8FEO 
_reflns.data_reduction_details                         ? 
_reflns.data_reduction_method                          ? 
_reflns.d_resolution_high                              1.52 
_reflns.d_resolution_low                               17.8 
_reflns.details                                        ? 
_reflns.limit_h_max                                    ? 
_reflns.limit_h_min                                    ? 
_reflns.limit_k_max                                    ? 
_reflns.limit_k_min                                    ? 
_reflns.limit_l_max                                    ? 
_reflns.limit_l_min                                    ? 
_reflns.number_all                                     ? 
_reflns.number_obs                                     6587 
_reflns.observed_criterion                             ? 
_reflns.observed_criterion_F_max                       ? 
_reflns.observed_criterion_F_min                       ? 
_reflns.observed_criterion_I_max                       ? 
_reflns.observed_criterion_I_min                       ? 
_reflns.observed_criterion_sigma_F                     ? 
_reflns.observed_criterion_sigma_I                     ? 
_reflns.percent_possible_obs                           98.3 
_reflns.R_free_details                                 ? 
_reflns.Rmerge_F_all                                   ? 
_reflns.Rmerge_F_obs                                   ? 
_reflns.Friedel_coverage                               ? 
_reflns.number_gt                                      ? 
_reflns.threshold_expression                           ? 
_reflns.pdbx_redundancy                                8.4 
_reflns.pdbx_netI_over_av_sigmaI                       ? 
_reflns.pdbx_netI_over_sigmaI                          36.4 
_reflns.pdbx_res_netI_over_av_sigmaI_2                 ? 
_reflns.pdbx_res_netI_over_sigmaI_2                    ? 
_reflns.pdbx_chi_squared                               ? 
_reflns.pdbx_scaling_rejects                           ? 
_reflns.pdbx_d_res_high_opt                            ? 
_reflns.pdbx_d_res_low_opt                             ? 
_reflns.pdbx_d_res_opt_method                          ? 
_reflns.phase_calculation_details                      ? 
_reflns.pdbx_Rrim_I_all                                0.081 
_reflns.pdbx_Rpim_I_all                                0.029 
_reflns.pdbx_d_opt                                     ? 
_reflns.pdbx_number_measured_all                       ? 
_reflns.pdbx_diffrn_id                                 1 
_reflns.pdbx_ordinal                                   1 
_reflns.pdbx_CC_half                                   0.998 
_reflns.pdbx_CC_star                                   ? 
_reflns.pdbx_R_split                                   ? 
_reflns.pdbx_Rmerge_I_obs                              0.075 
_reflns.pdbx_Rmerge_I_all                              ? 
_reflns.pdbx_Rsym_value                                ? 
_reflns.pdbx_CC_split_method                           ? 
_reflns.pdbx_aniso_diffraction_limit_axis_1_ortho[1]   ? 
_reflns.pdbx_aniso_diffraction_limit_axis_1_ortho[2]   ? 
_reflns.pdbx_aniso_diffraction_limit_axis_1_ortho[3]   ? 
_reflns.pdbx_aniso_diffraction_limit_axis_2_ortho[1]   ? 
_reflns.pdbx_aniso_diffraction_limit_axis_2_ortho[2]   ? 
_reflns.pdbx_aniso_diffraction_limit_axis_2_ortho[3]   ? 
_reflns.pdbx_aniso_diffraction_limit_axis_3_ortho[1]   ? 
_reflns.pdbx_aniso_diffraction_limit_axis_3_ortho[2]   ? 
_reflns.pdbx_aniso_diffraction_limit_axis_3_ortho[3]   ? 
_reflns.pdbx_aniso_diffraction_limit_1                 ? 
_reflns.pdbx_aniso_diffraction_limit_2                 ? 
_reflns.pdbx_aniso_diffraction_limit_3                 ? 
_reflns.pdbx_aniso_B_tensor_eigenvector_1_ortho[1]     ? 
_reflns.pdbx_aniso_B_tensor_eigenvector_1_ortho[2]     ? 
_reflns.pdbx_aniso_B_tensor_eigenvector_1_ortho[3]     ? 
_reflns.pdbx_aniso_B_tensor_eigenvector_2_ortho[1]     ? 
_reflns.pdbx_aniso_B_tensor_eigenvector_2_ortho[2]     ? 
_reflns.pdbx_aniso_B_tensor_eigenvector_2_ortho[3]     ? 
_reflns.pdbx_aniso_B_tensor_eigenvector_3_ortho[1]     ? 
_reflns.pdbx_aniso_B_tensor_eigenvector_3_ortho[2]     ? 
_reflns.pdbx_aniso_B_tensor_eigenvector_3_ortho[3]     ? 
_reflns.pdbx_aniso_B_tensor_eigenvalue_1               ? 
_reflns.pdbx_aniso_B_tensor_eigenvalue_2               ? 
_reflns.pdbx_aniso_B_tensor_eigenvalue_3               ? 
_reflns.pdbx_orthogonalization_convention              ? 
_reflns.pdbx_percent_possible_ellipsoidal              ? 
_reflns.pdbx_percent_possible_spherical                ? 
_reflns.pdbx_percent_possible_ellipsoidal_anomalous    ? 
_reflns.pdbx_percent_possible_spherical_anomalous      ? 
_reflns.pdbx_redundancy_anomalous                      ? 
_reflns.pdbx_CC_half_anomalous                         ? 
_reflns.pdbx_absDiff_over_sigma_anomalous              ? 
_reflns.pdbx_percent_possible_anomalous                ? 
_reflns.pdbx_observed_signal_threshold                 ? 
_reflns.pdbx_signal_type                               ? 
_reflns.pdbx_signal_details                            ? 
_reflns.pdbx_signal_software_id                        ? 
# 
_reflns_shell.d_res_high                                    1.52 
_reflns_shell.d_res_low                                     1.55 
_reflns_shell.meanI_over_sigI_all                           ? 
_reflns_shell.meanI_over_sigI_obs                           3.0 
_reflns_shell.number_measured_all                           ? 
_reflns_shell.number_measured_obs                           ? 
_reflns_shell.number_possible                               ? 
_reflns_shell.number_unique_all                             ? 
_reflns_shell.number_unique_obs                             322 
_reflns_shell.percent_possible_obs                          ? 
_reflns_shell.Rmerge_F_all                                  ? 
_reflns_shell.Rmerge_F_obs                                  ? 
_reflns_shell.meanI_over_sigI_gt                            ? 
_reflns_shell.meanI_over_uI_all                             ? 
_reflns_shell.meanI_over_uI_gt                              ? 
_reflns_shell.number_measured_gt                            ? 
_reflns_shell.number_unique_gt                              ? 
_reflns_shell.percent_possible_gt                           ? 
_reflns_shell.Rmerge_F_gt                                   ? 
_reflns_shell.Rmerge_I_gt                                   ? 
_reflns_shell.pdbx_redundancy                               7.0 
_reflns_shell.pdbx_chi_squared                              ? 
_reflns_shell.pdbx_netI_over_sigmaI_all                     ? 
_reflns_shell.pdbx_netI_over_sigmaI_obs                     ? 
_reflns_shell.pdbx_Rrim_I_all                               0.253 
_reflns_shell.pdbx_Rpim_I_all                               0.093 
_reflns_shell.pdbx_rejects                                  ? 
_reflns_shell.pdbx_ordinal                                  1 
_reflns_shell.pdbx_diffrn_id                                1 
_reflns_shell.pdbx_CC_half                                  0.973 
_reflns_shell.pdbx_CC_star                                  ? 
_reflns_shell.pdbx_R_split                                  ? 
_reflns_shell.percent_possible_all                          99.1 
_reflns_shell.Rmerge_I_all                                  ? 
_reflns_shell.Rmerge_I_obs                                  0.234 
_reflns_shell.pdbx_Rsym_value                               ? 
_reflns_shell.pdbx_percent_possible_ellipsoidal             ? 
_reflns_shell.pdbx_percent_possible_spherical               ? 
_reflns_shell.pdbx_percent_possible_ellipsoidal_anomalous   ? 
_reflns_shell.pdbx_percent_possible_spherical_anomalous     ? 
_reflns_shell.pdbx_redundancy_anomalous                     ? 
_reflns_shell.pdbx_CC_half_anomalous                        ? 
_reflns_shell.pdbx_absDiff_over_sigma_anomalous             ? 
_reflns_shell.pdbx_percent_possible_anomalous               ? 
# 
_refine.aniso_B[1][1]                            0.008 
_refine.aniso_B[1][2]                            0.004 
_refine.aniso_B[1][3]                            -0.000 
_refine.aniso_B[2][2]                            0.008 
_refine.aniso_B[2][3]                            -0.000 
_refine.aniso_B[3][3]                            -0.027 
_refine.B_iso_max                                ? 
_refine.B_iso_mean                               21.388 
_refine.B_iso_min                                ? 
_refine.correlation_coeff_Fo_to_Fc               0.954 
_refine.correlation_coeff_Fo_to_Fc_free          0.938 
_refine.details                                  'Hydrogens have been added in their riding positions' 
_refine.diff_density_max                         ? 
_refine.diff_density_max_esd                     ? 
_refine.diff_density_min                         ? 
_refine.diff_density_min_esd                     ? 
_refine.diff_density_rms                         ? 
_refine.diff_density_rms_esd                     ? 
_refine.entry_id                                 8FEO 
_refine.pdbx_refine_id                           'X-RAY DIFFRACTION' 
_refine.ls_abs_structure_details                 ? 
_refine.ls_abs_structure_Flack                   ? 
_refine.ls_abs_structure_Flack_esd               ? 
_refine.ls_abs_structure_Rogers                  ? 
_refine.ls_abs_structure_Rogers_esd              ? 
_refine.ls_d_res_high                            1.520 
_refine.ls_d_res_low                             17.796 
_refine.ls_extinction_coef                       ? 
_refine.ls_extinction_coef_esd                   ? 
_refine.ls_extinction_expression                 ? 
_refine.ls_extinction_method                     ? 
_refine.ls_goodness_of_fit_all                   ? 
_refine.ls_goodness_of_fit_all_esd               ? 
_refine.ls_goodness_of_fit_obs                   ? 
_refine.ls_goodness_of_fit_obs_esd               ? 
_refine.ls_hydrogen_treatment                    ? 
_refine.ls_matrix_type                           ? 
_refine.ls_number_constraints                    ? 
_refine.ls_number_parameters                     ? 
_refine.ls_number_reflns_all                     ? 
_refine.ls_number_reflns_obs                     6587 
_refine.ls_number_reflns_R_free                  320 
_refine.ls_number_reflns_R_work                  6267 
_refine.ls_number_restraints                     ? 
_refine.ls_percent_reflns_obs                    98.182 
_refine.ls_percent_reflns_R_free                 4.858 
_refine.ls_R_factor_all                          0.200 
_refine.ls_R_factor_obs                          ? 
_refine.ls_R_factor_R_free                       0.2393 
_refine.ls_R_factor_R_free_error                 ? 
_refine.ls_R_factor_R_free_error_details         ? 
_refine.ls_R_factor_R_work                       0.1980 
_refine.ls_R_Fsqd_factor_obs                     ? 
_refine.ls_R_I_factor_obs                        ? 
_refine.ls_redundancy_reflns_all                 ? 
_refine.ls_redundancy_reflns_obs                 ? 
_refine.ls_restrained_S_all                      ? 
_refine.ls_restrained_S_obs                      ? 
_refine.ls_shift_over_esd_max                    ? 
_refine.ls_shift_over_esd_mean                   ? 
_refine.ls_structure_factor_coef                 ? 
_refine.ls_weighting_details                     ? 
_refine.ls_weighting_scheme                      ? 
_refine.ls_wR_factor_all                         ? 
_refine.ls_wR_factor_obs                         ? 
_refine.ls_wR_factor_R_free                      ? 
_refine.ls_wR_factor_R_work                      ? 
_refine.occupancy_max                            ? 
_refine.occupancy_min                            ? 
_refine.solvent_model_details                    'MASK BULK SOLVENT' 
_refine.solvent_model_param_bsol                 ? 
_refine.solvent_model_param_ksol                 ? 
_refine.pdbx_R_complete                          ? 
_refine.ls_R_factor_gt                           ? 
_refine.ls_goodness_of_fit_gt                    ? 
_refine.ls_goodness_of_fit_ref                   ? 
_refine.ls_shift_over_su_max                     ? 
_refine.ls_shift_over_su_max_lt                  ? 
_refine.ls_shift_over_su_mean                    ? 
_refine.ls_shift_over_su_mean_lt                 ? 
_refine.pdbx_ls_sigma_I                          ? 
_refine.pdbx_ls_sigma_F                          ? 
_refine.pdbx_ls_sigma_Fsqd                       ? 
_refine.pdbx_data_cutoff_high_absF               ? 
_refine.pdbx_data_cutoff_high_rms_absF           ? 
_refine.pdbx_data_cutoff_low_absF                ? 
_refine.pdbx_isotropic_thermal_model             ? 
_refine.pdbx_ls_cross_valid_method               THROUGHOUT 
_refine.pdbx_method_to_determine_struct          'MOLECULAR REPLACEMENT' 
_refine.pdbx_starting_model                      ? 
_refine.pdbx_stereochemistry_target_values       ? 
_refine.pdbx_R_Free_selection_details            ? 
_refine.pdbx_stereochem_target_val_spec_case     ? 
_refine.pdbx_overall_ESU_R                       0.092 
_refine.pdbx_overall_ESU_R_Free                  0.095 
_refine.pdbx_solvent_vdw_probe_radii             1.200 
_refine.pdbx_solvent_ion_probe_radii             0.800 
_refine.pdbx_solvent_shrinkage_radii             0.800 
_refine.pdbx_real_space_R                        ? 
_refine.pdbx_density_correlation                 ? 
_refine.pdbx_pd_number_of_powder_patterns        ? 
_refine.pdbx_pd_number_of_points                 ? 
_refine.pdbx_pd_meas_number_of_points            ? 
_refine.pdbx_pd_proc_ls_prof_R_factor            ? 
_refine.pdbx_pd_proc_ls_prof_wR_factor           ? 
_refine.pdbx_pd_Marquardt_correlation_coeff      ? 
_refine.pdbx_pd_Fsqrd_R_factor                   ? 
_refine.pdbx_pd_ls_matrix_band_width             ? 
_refine.pdbx_overall_phase_error                 ? 
_refine.pdbx_overall_SU_R_free_Cruickshank_DPI   ? 
_refine.pdbx_overall_SU_R_free_Blow_DPI          ? 
_refine.pdbx_overall_SU_R_Blow_DPI               ? 
_refine.pdbx_TLS_residual_ADP_flag               ? 
_refine.pdbx_diffrn_id                           1 
_refine.overall_SU_B                             1.579 
_refine.overall_SU_ML                            0.059 
_refine.overall_SU_R_Cruickshank_DPI             ? 
_refine.overall_SU_R_free                        ? 
_refine.overall_FOM_free_R_set                   ? 
_refine.overall_FOM_work_R_set                   ? 
_refine.pdbx_average_fsc_overall                 ? 
_refine.pdbx_average_fsc_work                    ? 
_refine.pdbx_average_fsc_free                    ? 
# 
_refine_hist.pdbx_refine_id                   'X-RAY DIFFRACTION' 
_refine_hist.cycle_id                         LAST 
_refine_hist.pdbx_number_atoms_protein        0 
_refine_hist.pdbx_number_atoms_nucleic_acid   334 
_refine_hist.pdbx_number_atoms_ligand         2 
_refine_hist.number_atoms_solvent             73 
_refine_hist.number_atoms_total               409 
_refine_hist.d_res_high                       1.520 
_refine_hist.d_res_low                        17.796 
# 
loop_
_refine_ls_restr.pdbx_refine_id 
_refine_ls_restr.criterion 
_refine_ls_restr.dev_ideal 
_refine_ls_restr.dev_ideal_target 
_refine_ls_restr.number 
_refine_ls_restr.rejects 
_refine_ls_restr.type 
_refine_ls_restr.weight 
_refine_ls_restr.pdbx_restraint_function 
'X-RAY DIFFRACTION' ? 0.015 0.012  372 ? r_bond_refined_d               ? ? 
'X-RAY DIFFRACTION' ? 0.003 0.018  155 ? r_bond_other_d                 ? ? 
'X-RAY DIFFRACTION' ? 2.559 1.789  577 ? r_angle_refined_deg            ? ? 
'X-RAY DIFFRACTION' ? 0.688 1.655  379 ? r_angle_other_deg              ? ? 
'X-RAY DIFFRACTION' ? 0.226 0.200  79  ? r_chiral_restr                 ? ? 
'X-RAY DIFFRACTION' ? 0.028 0.020  181 ? r_gen_planes_refined           ? ? 
'X-RAY DIFFRACTION' ? 0.001 0.020  58  ? r_gen_planes_other             ? ? 
'X-RAY DIFFRACTION' ? 0.082 0.200  22  ? r_nbd_refined                  ? ? 
'X-RAY DIFFRACTION' ? 0.201 0.200  141 ? r_symmetry_nbd_other           ? ? 
'X-RAY DIFFRACTION' ? 0.238 0.200  139 ? r_nbtor_refined                ? ? 
'X-RAY DIFFRACTION' ? 0.086 0.200  88  ? r_symmetry_nbtor_other         ? ? 
'X-RAY DIFFRACTION' ? 0.208 0.200  46  ? r_xyhbond_nbd_refined          ? ? 
'X-RAY DIFFRACTION' ? 0.210 0.200  5   ? r_metal_ion_refined            ? ? 
'X-RAY DIFFRACTION' ? 0.216 0.200  14  ? r_symmetry_nbd_refined         ? ? 
'X-RAY DIFFRACTION' ? 0.414 0.200  32  ? r_nbd_other                    ? ? 
'X-RAY DIFFRACTION' ? 0.197 0.200  12  ? r_symmetry_xyhbond_nbd_refined ? ? 
'X-RAY DIFFRACTION' ? 1.722 2.075  371 ? r_scbond_it                    ? ? 
'X-RAY DIFFRACTION' ? 1.719 2.073  372 ? r_scbond_other                 ? ? 
'X-RAY DIFFRACTION' ? 2.358 3.133  577 ? r_scangle_it                   ? ? 
'X-RAY DIFFRACTION' ? 2.356 3.132  578 ? r_scangle_other                ? ? 
'X-RAY DIFFRACTION' ? 4.620 21.183 490 ? r_lrange_it                    ? ? 
'X-RAY DIFFRACTION' ? 4.636 20.143 474 ? r_lrange_other                 ? ? 
# 
loop_
_refine_ls_shell.pdbx_refine_id 
_refine_ls_shell.d_res_high 
_refine_ls_shell.d_res_low 
_refine_ls_shell.number_reflns_all 
_refine_ls_shell.number_reflns_obs 
_refine_ls_shell.number_reflns_R_free 
_refine_ls_shell.number_reflns_R_work 
_refine_ls_shell.percent_reflns_obs 
_refine_ls_shell.percent_reflns_R_free 
_refine_ls_shell.R_factor_all 
_refine_ls_shell.R_factor_obs 
_refine_ls_shell.R_factor_R_free_error 
_refine_ls_shell.R_factor_R_work 
_refine_ls_shell.redundancy_reflns_all 
_refine_ls_shell.redundancy_reflns_obs 
_refine_ls_shell.wR_factor_all 
_refine_ls_shell.wR_factor_obs 
_refine_ls_shell.wR_factor_R_free 
_refine_ls_shell.wR_factor_R_work 
_refine_ls_shell.pdbx_R_complete 
_refine_ls_shell.pdbx_total_number_of_bins_used 
_refine_ls_shell.pdbx_phase_error 
_refine_ls_shell.pdbx_fsc_work 
_refine_ls_shell.pdbx_fsc_free 
_refine_ls_shell.R_factor_R_free 
'X-RAY DIFFRACTION' 1.520 1.560  . . 22 451 99.1614  . . . . 0.231 . . . . . . . . . . . 0.229 
'X-RAY DIFFRACTION' 1.560 1.602  . . 20 454 100.0000 . . . . 0.204 . . . . . . . . . . . 0.212 
'X-RAY DIFFRACTION' 1.602 1.649  . . 28 429 100.0000 . . . . 0.206 . . . . . . . . . . . 0.249 
'X-RAY DIFFRACTION' 1.649 1.699  . . 23 417 100.0000 . . . . 0.183 . . . . . . . . . . . 0.219 
'X-RAY DIFFRACTION' 1.699 1.755  . . 18 413 100.0000 . . . . 0.181 . . . . . . . . . . . 0.234 
'X-RAY DIFFRACTION' 1.755 1.816  . . 21 408 100.0000 . . . . 0.189 . . . . . . . . . . . 0.293 
'X-RAY DIFFRACTION' 1.816 1.885  . . 22 387 100.0000 . . . . 0.194 . . . . . . . . . . . 0.194 
'X-RAY DIFFRACTION' 1.885 1.962  . . 24 362 99.4845  . . . . 0.205 . . . . . . . . . . . 0.279 
'X-RAY DIFFRACTION' 1.962 2.049  . . 14 367 100.0000 . . . . 0.207 . . . . . . . . . . . 0.218 
'X-RAY DIFFRACTION' 2.049 2.148  . . 16 341 100.0000 . . . . 0.220 . . . . . . . . . . . 0.271 
'X-RAY DIFFRACTION' 2.148 2.264  . . 17 331 100.0000 . . . . 0.223 . . . . . . . . . . . 0.318 
'X-RAY DIFFRACTION' 2.264 2.401  . . 18 317 99.7024  . . . . 0.191 . . . . . . . . . . . 0.360 
'X-RAY DIFFRACTION' 2.401 2.566  . . 15 293 99.6764  . . . . 0.192 . . . . . . . . . . . 0.191 
'X-RAY DIFFRACTION' 2.566 2.771  . . 17 269 98.9619  . . . . 0.220 . . . . . . . . . . . 0.174 
'X-RAY DIFFRACTION' 2.771 3.034  . . 13 262 100.0000 . . . . 0.167 . . . . . . . . . . . 0.212 
'X-RAY DIFFRACTION' 3.034 3.390  . . 5  216 92.4686  . . . . 0.179 . . . . . . . . . . . 0.156 
'X-RAY DIFFRACTION' 3.390 3.910  . . 11 195 94.0639  . . . . 0.171 . . . . . . . . . . . 0.295 
'X-RAY DIFFRACTION' 3.910 4.779  . . 11 169 90.9091  . . . . 0.173 . . . . . . . . . . . 0.212 
'X-RAY DIFFRACTION' 4.779 6.714  . . 4  126 86.0927  . . . . 0.239 . . . . . . . . . . . 0.225 
'X-RAY DIFFRACTION' 6.714 17.796 . . 1  60  59.8039  . . . . 0.377 . . . . . . . . . . . 0.359 
# 
_struct.entry_id                     8FEO 
_struct.title                        '16mer self-complementary duplex RNA with two separated native U:U pairs' 
_struct.pdbx_model_details           ? 
_struct.pdbx_formula_weight          ? 
_struct.pdbx_formula_weight_method   ? 
_struct.pdbx_model_type_details      ? 
_struct.pdbx_CASP_flag               N 
# 
_struct_keywords.entry_id        8FEO 
_struct_keywords.text            'RNA, Duplexes, UU pairs' 
_struct_keywords.pdbx_keywords   RNA 
# 
loop_
_struct_asym.id 
_struct_asym.pdbx_blank_PDB_chainid_flag 
_struct_asym.pdbx_modified 
_struct_asym.entity_id 
_struct_asym.details 
A N N 1 ? 
B N N 2 ? 
C N N 3 ? 
D N N 4 ? 
# 
_struct_ref.id                         1 
_struct_ref.db_name                    PDB 
_struct_ref.db_code                    8FEO 
_struct_ref.pdbx_db_accession          8FEO 
_struct_ref.pdbx_db_isoform            ? 
_struct_ref.entity_id                  1 
_struct_ref.pdbx_seq_one_letter_code   ? 
_struct_ref.pdbx_align_begin           1 
# 
_struct_ref_seq.align_id                      1 
_struct_ref_seq.ref_id                        1 
_struct_ref_seq.pdbx_PDB_id_code              8FEO 
_struct_ref_seq.pdbx_strand_id                AAA 
_struct_ref_seq.seq_align_beg                 1 
_struct_ref_seq.pdbx_seq_align_beg_ins_code   ? 
_struct_ref_seq.seq_align_end                 16 
_struct_ref_seq.pdbx_seq_align_end_ins_code   ? 
_struct_ref_seq.pdbx_db_accession             8FEO 
_struct_ref_seq.db_align_beg                  1 
_struct_ref_seq.pdbx_db_align_beg_ins_code    ? 
_struct_ref_seq.db_align_end                  16 
_struct_ref_seq.pdbx_db_align_end_ins_code    ? 
_struct_ref_seq.pdbx_auth_seq_align_beg       1 
_struct_ref_seq.pdbx_auth_seq_align_end       16 
# 
_pdbx_struct_assembly.id                   1 
_pdbx_struct_assembly.details              software_defined_assembly 
_pdbx_struct_assembly.method_details       PISA 
_pdbx_struct_assembly.oligomeric_details   dimeric 
_pdbx_struct_assembly.oligomeric_count     2 
# 
loop_
_pdbx_struct_assembly_prop.biol_id 
_pdbx_struct_assembly_prop.type 
_pdbx_struct_assembly_prop.value 
_pdbx_struct_assembly_prop.details 
1 'ABSA (A^2)' 2040 ? 
1 MORE         -81  ? 
1 'SSA (A^2)'  5920 ? 
# 
_pdbx_struct_assembly_gen.assembly_id       1 
_pdbx_struct_assembly_gen.oper_expression   1,2 
_pdbx_struct_assembly_gen.asym_id_list      A,B,C,D 
# 
_pdbx_struct_assembly_auth_evidence.id                     1 
_pdbx_struct_assembly_auth_evidence.assembly_id            1 
_pdbx_struct_assembly_auth_evidence.experimental_support   none 
_pdbx_struct_assembly_auth_evidence.details                ? 
# 
loop_
_pdbx_struct_oper_list.id 
_pdbx_struct_oper_list.type 
_pdbx_struct_oper_list.name 
_pdbx_struct_oper_list.symmetry_operation 
_pdbx_struct_oper_list.matrix[1][1] 
_pdbx_struct_oper_list.matrix[1][2] 
_pdbx_struct_oper_list.matrix[1][3] 
_pdbx_struct_oper_list.vector[1] 
_pdbx_struct_oper_list.matrix[2][1] 
_pdbx_struct_oper_list.matrix[2][2] 
_pdbx_struct_oper_list.matrix[2][3] 
_pdbx_struct_oper_list.vector[2] 
_pdbx_struct_oper_list.matrix[3][1] 
_pdbx_struct_oper_list.matrix[3][2] 
_pdbx_struct_oper_list.matrix[3][3] 
_pdbx_struct_oper_list.vector[3] 
1 'identity operation'         1_555 x,y,z  1.0000000000  0.0000000000 0.0000000000  0.0000000000 0.0000000000 1.0000000000 0.0000000000  0.0000000000  0.0000000000  0.0000000000  1.0000000000  0.0000000000 
2 'crystal symmetry operation' 4_555 y,x,-z -0.4106803084 0.8830309204 -0.2271521032 3.7293099135 0.8830309204 0.3231249819 -0.3403625123 -2.3422340633 -0.2271521032 -0.3403625123 -0.9124446735 0.5700614937 
# 
loop_
_struct_conn.id 
_struct_conn.conn_type_id 
_struct_conn.pdbx_leaving_atom_flag 
_struct_conn.pdbx_PDB_id 
_struct_conn.ptnr1_label_asym_id 
_struct_conn.ptnr1_label_comp_id 
_struct_conn.ptnr1_label_seq_id 
_struct_conn.ptnr1_label_atom_id 
_struct_conn.pdbx_ptnr1_label_alt_id 
_struct_conn.pdbx_ptnr1_PDB_ins_code 
_struct_conn.pdbx_ptnr1_standard_comp_id 
_struct_conn.ptnr1_symmetry 
_struct_conn.ptnr2_label_asym_id 
_struct_conn.ptnr2_label_comp_id 
_struct_conn.ptnr2_label_seq_id 
_struct_conn.ptnr2_label_atom_id 
_struct_conn.pdbx_ptnr2_label_alt_id 
_struct_conn.pdbx_ptnr2_PDB_ins_code 
_struct_conn.ptnr1_auth_asym_id 
_struct_conn.ptnr1_auth_comp_id 
_struct_conn.ptnr1_auth_seq_id 
_struct_conn.ptnr2_auth_asym_id 
_struct_conn.ptnr2_auth_comp_id 
_struct_conn.ptnr2_auth_seq_id 
_struct_conn.ptnr2_symmetry 
_struct_conn.pdbx_ptnr3_label_atom_id 
_struct_conn.pdbx_ptnr3_label_seq_id 
_struct_conn.pdbx_ptnr3_label_comp_id 
_struct_conn.pdbx_ptnr3_label_asym_id 
_struct_conn.pdbx_ptnr3_label_alt_id 
_struct_conn.pdbx_ptnr3_PDB_ins_code 
_struct_conn.details 
_struct_conn.pdbx_dist_value 
_struct_conn.pdbx_value_order 
_struct_conn.pdbx_role 
metalc1  metalc ? ? A U  16 OP1 ? ? ? 1_555 C MG  .  MG ? ? AAA U  16  AAA MG  102 1_555  ? ? ? ? ? ? ?            2.351 ? ? 
metalc2  metalc ? ? B SR .  SR  ? ? ? 1_555 D HOH .  O  ? ? AAA SR 101 AAA HOH 232 1_555  ? ? ? ? ? ? ?            2.582 ? ? 
metalc3  metalc ? ? B SR .  SR  ? ? ? 1_555 D HOH .  O  ? ? AAA SR 101 AAA HOH 236 1_555  ? ? ? ? ? ? ?            2.539 ? ? 
metalc4  metalc ? ? B SR .  SR  ? ? ? 1_555 D HOH .  O  ? ? AAA SR 101 AAA HOH 245 1_555  ? ? ? ? ? ? ?            2.534 ? ? 
metalc5  metalc ? ? B SR .  SR  ? ? ? 1_555 D HOH .  O  ? ? AAA SR 101 AAA HOH 270 1_555  ? ? ? ? ? ? ?            2.638 ? ? 
metalc6  metalc ? ? B SR .  SR  ? ? ? 1_555 D HOH .  O  ? ? AAA SR 101 AAA HOH 273 4_555  ? ? ? ? ? ? ?            2.311 ? ? 
metalc7  metalc ? ? C MG .  MG  ? ? ? 1_555 D HOH .  O  ? ? AAA MG 102 AAA HOH 215 18_654 ? ? ? ? ? ? ?            2.379 ? ? 
metalc8  metalc ? ? C MG .  MG  ? ? ? 1_555 D HOH .  O  ? ? AAA MG 102 AAA HOH 257 14_654 ? ? ? ? ? ? ?            2.601 ? ? 
metalc9  metalc ? ? C MG .  MG  ? ? ? 1_555 D HOH .  O  ? ? AAA MG 102 AAA HOH 272 1_555  ? ? ? ? ? ? ?            2.405 ? ? 
hydrog1  hydrog ? ? A A  1  N1  ? ? ? 1_555 A U   16 N3 ? ? AAA A  1   AAA U   16  4_555  ? ? ? ? ? ? WATSON-CRICK ?     ? ? 
hydrog2  hydrog ? ? A A  1  N6  ? ? ? 1_555 A U   16 O4 ? ? AAA A  1   AAA U   16  4_555  ? ? ? ? ? ? WATSON-CRICK ?     ? ? 
hydrog3  hydrog ? ? A G  2  N1  ? ? ? 1_555 A C   15 N3 ? ? AAA G  2   AAA C   15  4_555  ? ? ? ? ? ? WATSON-CRICK ?     ? ? 
hydrog4  hydrog ? ? A G  2  N2  ? ? ? 1_555 A C   15 O2 ? ? AAA G  2   AAA C   15  4_555  ? ? ? ? ? ? WATSON-CRICK ?     ? ? 
hydrog5  hydrog ? ? A G  2  O6  ? ? ? 1_555 A C   15 N4 ? ? AAA G  2   AAA C   15  4_555  ? ? ? ? ? ? WATSON-CRICK ?     ? ? 
hydrog6  hydrog ? ? A A  3  N1  ? ? ? 1_555 A U   14 N3 ? ? AAA A  3   AAA U   14  4_555  ? ? ? ? ? ? WATSON-CRICK ?     ? ? 
hydrog7  hydrog ? ? A A  3  N6  ? ? ? 1_555 A U   14 O4 ? ? AAA A  3   AAA U   14  4_555  ? ? ? ? ? ? WATSON-CRICK ?     ? ? 
hydrog8  hydrog ? ? A G  4  N1  ? ? ? 1_555 A C   13 N3 ? ? AAA G  4   AAA C   13  4_555  ? ? ? ? ? ? WATSON-CRICK ?     ? ? 
hydrog9  hydrog ? ? A G  4  N2  ? ? ? 1_555 A C   13 O2 ? ? AAA G  4   AAA C   13  4_555  ? ? ? ? ? ? WATSON-CRICK ?     ? ? 
hydrog10 hydrog ? ? A G  4  O6  ? ? ? 1_555 A C   13 N4 ? ? AAA G  4   AAA C   13  4_555  ? ? ? ? ? ? WATSON-CRICK ?     ? ? 
hydrog11 hydrog ? ? A U  5  N3  ? ? ? 1_555 A U   12 O4 ? ? AAA U  5   AAA U   12  4_555  ? ? ? ? ? ? TYPE_16_PAIR ?     ? ? 
hydrog12 hydrog ? ? A U  5  O2  ? ? ? 1_555 A U   12 N3 ? ? AAA U  5   AAA U   12  4_555  ? ? ? ? ? ? TYPE_16_PAIR ?     ? ? 
hydrog13 hydrog ? ? A A  6  N1  ? ? ? 1_555 A U   11 N3 ? ? AAA A  6   AAA U   11  4_555  ? ? ? ? ? ? WATSON-CRICK ?     ? ? 
hydrog14 hydrog ? ? A A  6  N6  ? ? ? 1_555 A U   11 O4 ? ? AAA A  6   AAA U   11  4_555  ? ? ? ? ? ? WATSON-CRICK ?     ? ? 
hydrog15 hydrog ? ? A G  7  N1  ? ? ? 1_555 A C   10 N3 ? ? AAA G  7   AAA C   10  4_555  ? ? ? ? ? ? WATSON-CRICK ?     ? ? 
hydrog16 hydrog ? ? A G  7  N2  ? ? ? 1_555 A C   10 O2 ? ? AAA G  7   AAA C   10  4_555  ? ? ? ? ? ? WATSON-CRICK ?     ? ? 
hydrog17 hydrog ? ? A G  7  O6  ? ? ? 1_555 A C   10 N4 ? ? AAA G  7   AAA C   10  4_555  ? ? ? ? ? ? WATSON-CRICK ?     ? ? 
hydrog18 hydrog ? ? A A  8  N1  ? ? ? 1_555 A U   9  N3 ? ? AAA A  8   AAA U   9   4_555  ? ? ? ? ? ? WATSON-CRICK ?     ? ? 
hydrog19 hydrog ? ? A A  8  N6  ? ? ? 1_555 A U   9  O4 ? ? AAA A  8   AAA U   9   4_555  ? ? ? ? ? ? WATSON-CRICK ?     ? ? 
hydrog20 hydrog ? ? A U  9  N3  ? ? ? 1_555 A A   8  N1 ? ? AAA U  9   AAA A   8   4_555  ? ? ? ? ? ? WATSON-CRICK ?     ? ? 
hydrog21 hydrog ? ? A U  9  O4  ? ? ? 1_555 A A   8  N6 ? ? AAA U  9   AAA A   8   4_555  ? ? ? ? ? ? WATSON-CRICK ?     ? ? 
hydrog22 hydrog ? ? A C  10 N3  ? ? ? 1_555 A G   7  N1 ? ? AAA C  10  AAA G   7   4_555  ? ? ? ? ? ? WATSON-CRICK ?     ? ? 
hydrog23 hydrog ? ? A C  10 N4  ? ? ? 1_555 A G   7  O6 ? ? AAA C  10  AAA G   7   4_555  ? ? ? ? ? ? WATSON-CRICK ?     ? ? 
hydrog24 hydrog ? ? A C  10 O2  ? ? ? 1_555 A G   7  N2 ? ? AAA C  10  AAA G   7   4_555  ? ? ? ? ? ? WATSON-CRICK ?     ? ? 
hydrog25 hydrog ? ? A U  11 N3  ? ? ? 1_555 A A   6  N1 ? ? AAA U  11  AAA A   6   4_555  ? ? ? ? ? ? WATSON-CRICK ?     ? ? 
hydrog26 hydrog ? ? A U  11 O4  ? ? ? 1_555 A A   6  N6 ? ? AAA U  11  AAA A   6   4_555  ? ? ? ? ? ? WATSON-CRICK ?     ? ? 
hydrog27 hydrog ? ? A U  12 N3  ? ? ? 1_555 A U   5  O2 ? ? AAA U  12  AAA U   5   4_555  ? ? ? ? ? ? TYPE_16_PAIR ?     ? ? 
hydrog28 hydrog ? ? A U  12 O4  ? ? ? 1_555 A U   5  N3 ? ? AAA U  12  AAA U   5   4_555  ? ? ? ? ? ? TYPE_16_PAIR ?     ? ? 
hydrog29 hydrog ? ? A C  13 N3  ? ? ? 1_555 A G   4  N1 ? ? AAA C  13  AAA G   4   4_555  ? ? ? ? ? ? WATSON-CRICK ?     ? ? 
hydrog30 hydrog ? ? A C  13 N4  ? ? ? 1_555 A G   4  O6 ? ? AAA C  13  AAA G   4   4_555  ? ? ? ? ? ? WATSON-CRICK ?     ? ? 
hydrog31 hydrog ? ? A C  13 O2  ? ? ? 1_555 A G   4  N2 ? ? AAA C  13  AAA G   4   4_555  ? ? ? ? ? ? WATSON-CRICK ?     ? ? 
hydrog32 hydrog ? ? A U  14 N3  ? ? ? 1_555 A A   3  N1 ? ? AAA U  14  AAA A   3   4_555  ? ? ? ? ? ? WATSON-CRICK ?     ? ? 
hydrog33 hydrog ? ? A U  14 O4  ? ? ? 1_555 A A   3  N6 ? ? AAA U  14  AAA A   3   4_555  ? ? ? ? ? ? WATSON-CRICK ?     ? ? 
hydrog34 hydrog ? ? A C  15 N3  ? ? ? 1_555 A G   2  N1 ? ? AAA C  15  AAA G   2   4_555  ? ? ? ? ? ? WATSON-CRICK ?     ? ? 
hydrog35 hydrog ? ? A C  15 N4  ? ? ? 1_555 A G   2  O6 ? ? AAA C  15  AAA G   2   4_555  ? ? ? ? ? ? WATSON-CRICK ?     ? ? 
hydrog36 hydrog ? ? A C  15 O2  ? ? ? 1_555 A G   2  N2 ? ? AAA C  15  AAA G   2   4_555  ? ? ? ? ? ? WATSON-CRICK ?     ? ? 
hydrog37 hydrog ? ? A U  16 N3  ? ? ? 1_555 A A   1  N1 ? ? AAA U  16  AAA A   1   4_555  ? ? ? ? ? ? WATSON-CRICK ?     ? ? 
hydrog38 hydrog ? ? A U  16 O4  ? ? ? 1_555 A A   1  N6 ? ? AAA U  16  AAA A   1   4_555  ? ? ? ? ? ? WATSON-CRICK ?     ? ? 
# 
loop_
_struct_conn_type.id 
_struct_conn_type.criteria 
_struct_conn_type.reference 
metalc ? ? 
hydrog ? ? 
# 
loop_
_pdbx_struct_conn_angle.id 
_pdbx_struct_conn_angle.ptnr1_label_atom_id 
_pdbx_struct_conn_angle.ptnr1_label_alt_id 
_pdbx_struct_conn_angle.ptnr1_label_asym_id 
_pdbx_struct_conn_angle.ptnr1_label_comp_id 
_pdbx_struct_conn_angle.ptnr1_label_seq_id 
_pdbx_struct_conn_angle.ptnr1_auth_atom_id 
_pdbx_struct_conn_angle.ptnr1_auth_asym_id 
_pdbx_struct_conn_angle.ptnr1_auth_comp_id 
_pdbx_struct_conn_angle.ptnr1_auth_seq_id 
_pdbx_struct_conn_angle.ptnr1_PDB_ins_code 
_pdbx_struct_conn_angle.ptnr1_symmetry 
_pdbx_struct_conn_angle.ptnr2_label_atom_id 
_pdbx_struct_conn_angle.ptnr2_label_alt_id 
_pdbx_struct_conn_angle.ptnr2_label_asym_id 
_pdbx_struct_conn_angle.ptnr2_label_comp_id 
_pdbx_struct_conn_angle.ptnr2_label_seq_id 
_pdbx_struct_conn_angle.ptnr2_auth_atom_id 
_pdbx_struct_conn_angle.ptnr2_auth_asym_id 
_pdbx_struct_conn_angle.ptnr2_auth_comp_id 
_pdbx_struct_conn_angle.ptnr2_auth_seq_id 
_pdbx_struct_conn_angle.ptnr2_PDB_ins_code 
_pdbx_struct_conn_angle.ptnr2_symmetry 
_pdbx_struct_conn_angle.ptnr3_label_atom_id 
_pdbx_struct_conn_angle.ptnr3_label_alt_id 
_pdbx_struct_conn_angle.ptnr3_label_asym_id 
_pdbx_struct_conn_angle.ptnr3_label_comp_id 
_pdbx_struct_conn_angle.ptnr3_label_seq_id 
_pdbx_struct_conn_angle.ptnr3_auth_atom_id 
_pdbx_struct_conn_angle.ptnr3_auth_asym_id 
_pdbx_struct_conn_angle.ptnr3_auth_comp_id 
_pdbx_struct_conn_angle.ptnr3_auth_seq_id 
_pdbx_struct_conn_angle.ptnr3_PDB_ins_code 
_pdbx_struct_conn_angle.ptnr3_symmetry 
_pdbx_struct_conn_angle.value 
_pdbx_struct_conn_angle.value_esd 
1  OP1 ? A U   16 ? AAA U   16  ? 1_555  MG ? C MG . ? AAA MG 102 ? 1_555 O ? D HOH . ? AAA HOH 215 ? 18_654 82.5  ? 
2  OP1 ? A U   16 ? AAA U   16  ? 1_555  MG ? C MG . ? AAA MG 102 ? 1_555 O ? D HOH . ? AAA HOH 257 ? 14_654 112.9 ? 
3  O   ? D HOH .  ? AAA HOH 215 ? 18_654 MG ? C MG . ? AAA MG 102 ? 1_555 O ? D HOH . ? AAA HOH 257 ? 14_654 121.2 ? 
4  OP1 ? A U   16 ? AAA U   16  ? 1_555  MG ? C MG . ? AAA MG 102 ? 1_555 O ? D HOH . ? AAA HOH 272 ? 1_555  127.4 ? 
5  O   ? D HOH .  ? AAA HOH 215 ? 18_654 MG ? C MG . ? AAA MG 102 ? 1_555 O ? D HOH . ? AAA HOH 272 ? 1_555  63.5  ? 
6  O   ? D HOH .  ? AAA HOH 257 ? 14_654 MG ? C MG . ? AAA MG 102 ? 1_555 O ? D HOH . ? AAA HOH 272 ? 1_555  118.8 ? 
7  O   ? D HOH .  ? AAA HOH 232 ? 1_555  SR ? B SR . ? AAA SR 101 ? 1_555 O ? D HOH . ? AAA HOH 236 ? 1_555  86.2  ? 
8  O   ? D HOH .  ? AAA HOH 232 ? 1_555  SR ? B SR . ? AAA SR 101 ? 1_555 O ? D HOH . ? AAA HOH 245 ? 1_555  70.2  ? 
9  O   ? D HOH .  ? AAA HOH 236 ? 1_555  SR ? B SR . ? AAA SR 101 ? 1_555 O ? D HOH . ? AAA HOH 245 ? 1_555  155.4 ? 
10 O   ? D HOH .  ? AAA HOH 232 ? 1_555  SR ? B SR . ? AAA SR 101 ? 1_555 O ? D HOH . ? AAA HOH 270 ? 1_555  117.3 ? 
11 O   ? D HOH .  ? AAA HOH 236 ? 1_555  SR ? B SR . ? AAA SR 101 ? 1_555 O ? D HOH . ? AAA HOH 270 ? 1_555  128.3 ? 
12 O   ? D HOH .  ? AAA HOH 245 ? 1_555  SR ? B SR . ? AAA SR 101 ? 1_555 O ? D HOH . ? AAA HOH 270 ? 1_555  71.3  ? 
13 O   ? D HOH .  ? AAA HOH 232 ? 1_555  SR ? B SR . ? AAA SR 101 ? 1_555 O ? D HOH . ? AAA HOH 273 ? 4_555  77.4  ? 
14 O   ? D HOH .  ? AAA HOH 236 ? 1_555  SR ? B SR . ? AAA SR 101 ? 1_555 O ? D HOH . ? AAA HOH 273 ? 4_555  70.0  ? 
15 O   ? D HOH .  ? AAA HOH 245 ? 1_555  SR ? B SR . ? AAA SR 101 ? 1_555 O ? D HOH . ? AAA HOH 273 ? 4_555  109.8 ? 
16 O   ? D HOH .  ? AAA HOH 270 ? 1_555  SR ? B SR . ? AAA SR 101 ? 1_555 O ? D HOH . ? AAA HOH 273 ? 4_555  71.6  ? 
# 
loop_
_pdbx_validate_close_contact.id 
_pdbx_validate_close_contact.PDB_model_num 
_pdbx_validate_close_contact.auth_atom_id_1 
_pdbx_validate_close_contact.auth_asym_id_1 
_pdbx_validate_close_contact.auth_comp_id_1 
_pdbx_validate_close_contact.auth_seq_id_1 
_pdbx_validate_close_contact.PDB_ins_code_1 
_pdbx_validate_close_contact.label_alt_id_1 
_pdbx_validate_close_contact.auth_atom_id_2 
_pdbx_validate_close_contact.auth_asym_id_2 
_pdbx_validate_close_contact.auth_comp_id_2 
_pdbx_validate_close_contact.auth_seq_id_2 
_pdbx_validate_close_contact.PDB_ins_code_2 
_pdbx_validate_close_contact.label_alt_id_2 
_pdbx_validate_close_contact.dist 
1 1 O AAA HOH 231 ? ? O AAA HOH 261 ? ? 2.02 
2 1 O AAA HOH 202 ? ? O AAA HOH 229 ? ? 2.18 
# 
loop_
_pdbx_validate_rmsd_bond.id 
_pdbx_validate_rmsd_bond.PDB_model_num 
_pdbx_validate_rmsd_bond.auth_atom_id_1 
_pdbx_validate_rmsd_bond.auth_asym_id_1 
_pdbx_validate_rmsd_bond.auth_comp_id_1 
_pdbx_validate_rmsd_bond.auth_seq_id_1 
_pdbx_validate_rmsd_bond.PDB_ins_code_1 
_pdbx_validate_rmsd_bond.label_alt_id_1 
_pdbx_validate_rmsd_bond.auth_atom_id_2 
_pdbx_validate_rmsd_bond.auth_asym_id_2 
_pdbx_validate_rmsd_bond.auth_comp_id_2 
_pdbx_validate_rmsd_bond.auth_seq_id_2 
_pdbx_validate_rmsd_bond.PDB_ins_code_2 
_pdbx_validate_rmsd_bond.label_alt_id_2 
_pdbx_validate_rmsd_bond.bond_value 
_pdbx_validate_rmsd_bond.bond_target_value 
_pdbx_validate_rmsd_bond.bond_deviation 
_pdbx_validate_rmsd_bond.bond_standard_deviation 
_pdbx_validate_rmsd_bond.linker_flag 
1 1 "O5'" AAA G 7  ? ? "C5'" AAA G 7  ? ? 1.308 1.420 -0.112 0.009 N 
2 1 P     AAA U 16 ? ? "O5'" AAA U 16 ? ? 1.659 1.593 0.066  0.010 N 
# 
loop_
_pdbx_validate_rmsd_angle.id 
_pdbx_validate_rmsd_angle.PDB_model_num 
_pdbx_validate_rmsd_angle.auth_atom_id_1 
_pdbx_validate_rmsd_angle.auth_asym_id_1 
_pdbx_validate_rmsd_angle.auth_comp_id_1 
_pdbx_validate_rmsd_angle.auth_seq_id_1 
_pdbx_validate_rmsd_angle.PDB_ins_code_1 
_pdbx_validate_rmsd_angle.label_alt_id_1 
_pdbx_validate_rmsd_angle.auth_atom_id_2 
_pdbx_validate_rmsd_angle.auth_asym_id_2 
_pdbx_validate_rmsd_angle.auth_comp_id_2 
_pdbx_validate_rmsd_angle.auth_seq_id_2 
_pdbx_validate_rmsd_angle.PDB_ins_code_2 
_pdbx_validate_rmsd_angle.label_alt_id_2 
_pdbx_validate_rmsd_angle.auth_atom_id_3 
_pdbx_validate_rmsd_angle.auth_asym_id_3 
_pdbx_validate_rmsd_angle.auth_comp_id_3 
_pdbx_validate_rmsd_angle.auth_seq_id_3 
_pdbx_validate_rmsd_angle.PDB_ins_code_3 
_pdbx_validate_rmsd_angle.label_alt_id_3 
_pdbx_validate_rmsd_angle.angle_value 
_pdbx_validate_rmsd_angle.angle_target_value 
_pdbx_validate_rmsd_angle.angle_deviation 
_pdbx_validate_rmsd_angle.angle_standard_deviation 
_pdbx_validate_rmsd_angle.linker_flag 
1 1 "O5'" AAA G 7  ? ? "C5'" AAA G 7  ? ? "C4'" AAA G 7  ? ? 103.81 109.40 -5.59 0.80 N 
2 1 "C3'" AAA G 7  ? ? "O3'" AAA G 7  ? ? P     AAA A 8  ? ? 111.97 119.70 -7.73 1.20 Y 
3 1 "O3'" AAA U 12 ? ? P     AAA C 13 ? ? OP2   AAA C 13 ? ? 117.75 110.50 7.25  1.10 Y 
# 
_pdbx_validate_planes.id              1 
_pdbx_validate_planes.PDB_model_num   1 
_pdbx_validate_planes.auth_comp_id    C 
_pdbx_validate_planes.auth_asym_id    AAA 
_pdbx_validate_planes.auth_seq_id     15 
_pdbx_validate_planes.PDB_ins_code    ? 
_pdbx_validate_planes.label_alt_id    ? 
_pdbx_validate_planes.rmsd            0.060 
_pdbx_validate_planes.type            'SIDE CHAIN' 
# 
loop_
_pdbx_struct_special_symmetry.id 
_pdbx_struct_special_symmetry.PDB_model_num 
_pdbx_struct_special_symmetry.auth_asym_id 
_pdbx_struct_special_symmetry.auth_comp_id 
_pdbx_struct_special_symmetry.auth_seq_id 
_pdbx_struct_special_symmetry.PDB_ins_code 
_pdbx_struct_special_symmetry.label_asym_id 
_pdbx_struct_special_symmetry.label_comp_id 
_pdbx_struct_special_symmetry.label_seq_id 
1 1 AAA HOH 222 ? D HOH . 
2 1 AAA HOH 238 ? D HOH . 
3 1 AAA HOH 248 ? D HOH . 
4 1 AAA HOH 259 ? D HOH . 
5 1 AAA HOH 260 ? D HOH . 
# 
_pdbx_entry_details.entry_id                 8FEO 
_pdbx_entry_details.has_ligand_of_interest   N 
_pdbx_entry_details.compound_details         ? 
_pdbx_entry_details.source_details           ? 
_pdbx_entry_details.nonpolymer_details       ? 
_pdbx_entry_details.sequence_details         ? 
# 
loop_
_chem_comp_atom.comp_id 
_chem_comp_atom.atom_id 
_chem_comp_atom.type_symbol 
_chem_comp_atom.pdbx_aromatic_flag 
_chem_comp_atom.pdbx_stereo_config 
_chem_comp_atom.pdbx_ordinal 
A   OP3    O  N N 1   
A   P      P  N N 2   
A   OP1    O  N N 3   
A   OP2    O  N N 4   
A   "O5'"  O  N N 5   
A   "C5'"  C  N N 6   
A   "C4'"  C  N R 7   
A   "O4'"  O  N N 8   
A   "C3'"  C  N S 9   
A   "O3'"  O  N N 10  
A   "C2'"  C  N R 11  
A   "O2'"  O  N N 12  
A   "C1'"  C  N R 13  
A   N9     N  Y N 14  
A   C8     C  Y N 15  
A   N7     N  Y N 16  
A   C5     C  Y N 17  
A   C6     C  Y N 18  
A   N6     N  N N 19  
A   N1     N  Y N 20  
A   C2     C  Y N 21  
A   N3     N  Y N 22  
A   C4     C  Y N 23  
A   HOP3   H  N N 24  
A   HOP2   H  N N 25  
A   "H5'"  H  N N 26  
A   "H5''" H  N N 27  
A   "H4'"  H  N N 28  
A   "H3'"  H  N N 29  
A   "HO3'" H  N N 30  
A   "H2'"  H  N N 31  
A   "HO2'" H  N N 32  
A   "H1'"  H  N N 33  
A   H8     H  N N 34  
A   H61    H  N N 35  
A   H62    H  N N 36  
A   H2     H  N N 37  
C   OP3    O  N N 38  
C   P      P  N N 39  
C   OP1    O  N N 40  
C   OP2    O  N N 41  
C   "O5'"  O  N N 42  
C   "C5'"  C  N N 43  
C   "C4'"  C  N R 44  
C   "O4'"  O  N N 45  
C   "C3'"  C  N S 46  
C   "O3'"  O  N N 47  
C   "C2'"  C  N R 48  
C   "O2'"  O  N N 49  
C   "C1'"  C  N R 50  
C   N1     N  N N 51  
C   C2     C  N N 52  
C   O2     O  N N 53  
C   N3     N  N N 54  
C   C4     C  N N 55  
C   N4     N  N N 56  
C   C5     C  N N 57  
C   C6     C  N N 58  
C   HOP3   H  N N 59  
C   HOP2   H  N N 60  
C   "H5'"  H  N N 61  
C   "H5''" H  N N 62  
C   "H4'"  H  N N 63  
C   "H3'"  H  N N 64  
C   "HO3'" H  N N 65  
C   "H2'"  H  N N 66  
C   "HO2'" H  N N 67  
C   "H1'"  H  N N 68  
C   H41    H  N N 69  
C   H42    H  N N 70  
C   H5     H  N N 71  
C   H6     H  N N 72  
G   OP3    O  N N 73  
G   P      P  N N 74  
G   OP1    O  N N 75  
G   OP2    O  N N 76  
G   "O5'"  O  N N 77  
G   "C5'"  C  N N 78  
G   "C4'"  C  N R 79  
G   "O4'"  O  N N 80  
G   "C3'"  C  N S 81  
G   "O3'"  O  N N 82  
G   "C2'"  C  N R 83  
G   "O2'"  O  N N 84  
G   "C1'"  C  N R 85  
G   N9     N  Y N 86  
G   C8     C  Y N 87  
G   N7     N  Y N 88  
G   C5     C  Y N 89  
G   C6     C  N N 90  
G   O6     O  N N 91  
G   N1     N  N N 92  
G   C2     C  N N 93  
G   N2     N  N N 94  
G   N3     N  N N 95  
G   C4     C  Y N 96  
G   HOP3   H  N N 97  
G   HOP2   H  N N 98  
G   "H5'"  H  N N 99  
G   "H5''" H  N N 100 
G   "H4'"  H  N N 101 
G   "H3'"  H  N N 102 
G   "HO3'" H  N N 103 
G   "H2'"  H  N N 104 
G   "HO2'" H  N N 105 
G   "H1'"  H  N N 106 
G   H8     H  N N 107 
G   H1     H  N N 108 
G   H21    H  N N 109 
G   H22    H  N N 110 
HOH O      O  N N 111 
HOH H1     H  N N 112 
HOH H2     H  N N 113 
MG  MG     MG N N 114 
SR  SR     SR N N 115 
U   OP3    O  N N 116 
U   P      P  N N 117 
U   OP1    O  N N 118 
U   OP2    O  N N 119 
U   "O5'"  O  N N 120 
U   "C5'"  C  N N 121 
U   "C4'"  C  N R 122 
U   "O4'"  O  N N 123 
U   "C3'"  C  N S 124 
U   "O3'"  O  N N 125 
U   "C2'"  C  N R 126 
U   "O2'"  O  N N 127 
U   "C1'"  C  N R 128 
U   N1     N  N N 129 
U   C2     C  N N 130 
U   O2     O  N N 131 
U   N3     N  N N 132 
U   C4     C  N N 133 
U   O4     O  N N 134 
U   C5     C  N N 135 
U   C6     C  N N 136 
U   HOP3   H  N N 137 
U   HOP2   H  N N 138 
U   "H5'"  H  N N 139 
U   "H5''" H  N N 140 
U   "H4'"  H  N N 141 
U   "H3'"  H  N N 142 
U   "HO3'" H  N N 143 
U   "H2'"  H  N N 144 
U   "HO2'" H  N N 145 
U   "H1'"  H  N N 146 
U   H3     H  N N 147 
U   H5     H  N N 148 
U   H6     H  N N 149 
# 
loop_
_chem_comp_bond.comp_id 
_chem_comp_bond.atom_id_1 
_chem_comp_bond.atom_id_2 
_chem_comp_bond.value_order 
_chem_comp_bond.pdbx_aromatic_flag 
_chem_comp_bond.pdbx_stereo_config 
_chem_comp_bond.pdbx_ordinal 
A   OP3   P      sing N N 1   
A   OP3   HOP3   sing N N 2   
A   P     OP1    doub N N 3   
A   P     OP2    sing N N 4   
A   P     "O5'"  sing N N 5   
A   OP2   HOP2   sing N N 6   
A   "O5'" "C5'"  sing N N 7   
A   "C5'" "C4'"  sing N N 8   
A   "C5'" "H5'"  sing N N 9   
A   "C5'" "H5''" sing N N 10  
A   "C4'" "O4'"  sing N N 11  
A   "C4'" "C3'"  sing N N 12  
A   "C4'" "H4'"  sing N N 13  
A   "O4'" "C1'"  sing N N 14  
A   "C3'" "O3'"  sing N N 15  
A   "C3'" "C2'"  sing N N 16  
A   "C3'" "H3'"  sing N N 17  
A   "O3'" "HO3'" sing N N 18  
A   "C2'" "O2'"  sing N N 19  
A   "C2'" "C1'"  sing N N 20  
A   "C2'" "H2'"  sing N N 21  
A   "O2'" "HO2'" sing N N 22  
A   "C1'" N9     sing N N 23  
A   "C1'" "H1'"  sing N N 24  
A   N9    C8     sing Y N 25  
A   N9    C4     sing Y N 26  
A   C8    N7     doub Y N 27  
A   C8    H8     sing N N 28  
A   N7    C5     sing Y N 29  
A   C5    C6     sing Y N 30  
A   C5    C4     doub Y N 31  
A   C6    N6     sing N N 32  
A   C6    N1     doub Y N 33  
A   N6    H61    sing N N 34  
A   N6    H62    sing N N 35  
A   N1    C2     sing Y N 36  
A   C2    N3     doub Y N 37  
A   C2    H2     sing N N 38  
A   N3    C4     sing Y N 39  
C   OP3   P      sing N N 40  
C   OP3   HOP3   sing N N 41  
C   P     OP1    doub N N 42  
C   P     OP2    sing N N 43  
C   P     "O5'"  sing N N 44  
C   OP2   HOP2   sing N N 45  
C   "O5'" "C5'"  sing N N 46  
C   "C5'" "C4'"  sing N N 47  
C   "C5'" "H5'"  sing N N 48  
C   "C5'" "H5''" sing N N 49  
C   "C4'" "O4'"  sing N N 50  
C   "C4'" "C3'"  sing N N 51  
C   "C4'" "H4'"  sing N N 52  
C   "O4'" "C1'"  sing N N 53  
C   "C3'" "O3'"  sing N N 54  
C   "C3'" "C2'"  sing N N 55  
C   "C3'" "H3'"  sing N N 56  
C   "O3'" "HO3'" sing N N 57  
C   "C2'" "O2'"  sing N N 58  
C   "C2'" "C1'"  sing N N 59  
C   "C2'" "H2'"  sing N N 60  
C   "O2'" "HO2'" sing N N 61  
C   "C1'" N1     sing N N 62  
C   "C1'" "H1'"  sing N N 63  
C   N1    C2     sing N N 64  
C   N1    C6     sing N N 65  
C   C2    O2     doub N N 66  
C   C2    N3     sing N N 67  
C   N3    C4     doub N N 68  
C   C4    N4     sing N N 69  
C   C4    C5     sing N N 70  
C   N4    H41    sing N N 71  
C   N4    H42    sing N N 72  
C   C5    C6     doub N N 73  
C   C5    H5     sing N N 74  
C   C6    H6     sing N N 75  
G   OP3   P      sing N N 76  
G   OP3   HOP3   sing N N 77  
G   P     OP1    doub N N 78  
G   P     OP2    sing N N 79  
G   P     "O5'"  sing N N 80  
G   OP2   HOP2   sing N N 81  
G   "O5'" "C5'"  sing N N 82  
G   "C5'" "C4'"  sing N N 83  
G   "C5'" "H5'"  sing N N 84  
G   "C5'" "H5''" sing N N 85  
G   "C4'" "O4'"  sing N N 86  
G   "C4'" "C3'"  sing N N 87  
G   "C4'" "H4'"  sing N N 88  
G   "O4'" "C1'"  sing N N 89  
G   "C3'" "O3'"  sing N N 90  
G   "C3'" "C2'"  sing N N 91  
G   "C3'" "H3'"  sing N N 92  
G   "O3'" "HO3'" sing N N 93  
G   "C2'" "O2'"  sing N N 94  
G   "C2'" "C1'"  sing N N 95  
G   "C2'" "H2'"  sing N N 96  
G   "O2'" "HO2'" sing N N 97  
G   "C1'" N9     sing N N 98  
G   "C1'" "H1'"  sing N N 99  
G   N9    C8     sing Y N 100 
G   N9    C4     sing Y N 101 
G   C8    N7     doub Y N 102 
G   C8    H8     sing N N 103 
G   N7    C5     sing Y N 104 
G   C5    C6     sing N N 105 
G   C5    C4     doub Y N 106 
G   C6    O6     doub N N 107 
G   C6    N1     sing N N 108 
G   N1    C2     sing N N 109 
G   N1    H1     sing N N 110 
G   C2    N2     sing N N 111 
G   C2    N3     doub N N 112 
G   N2    H21    sing N N 113 
G   N2    H22    sing N N 114 
G   N3    C4     sing N N 115 
HOH O     H1     sing N N 116 
HOH O     H2     sing N N 117 
U   OP3   P      sing N N 118 
U   OP3   HOP3   sing N N 119 
U   P     OP1    doub N N 120 
U   P     OP2    sing N N 121 
U   P     "O5'"  sing N N 122 
U   OP2   HOP2   sing N N 123 
U   "O5'" "C5'"  sing N N 124 
U   "C5'" "C4'"  sing N N 125 
U   "C5'" "H5'"  sing N N 126 
U   "C5'" "H5''" sing N N 127 
U   "C4'" "O4'"  sing N N 128 
U   "C4'" "C3'"  sing N N 129 
U   "C4'" "H4'"  sing N N 130 
U   "O4'" "C1'"  sing N N 131 
U   "C3'" "O3'"  sing N N 132 
U   "C3'" "C2'"  sing N N 133 
U   "C3'" "H3'"  sing N N 134 
U   "O3'" "HO3'" sing N N 135 
U   "C2'" "O2'"  sing N N 136 
U   "C2'" "C1'"  sing N N 137 
U   "C2'" "H2'"  sing N N 138 
U   "O2'" "HO2'" sing N N 139 
U   "C1'" N1     sing N N 140 
U   "C1'" "H1'"  sing N N 141 
U   N1    C2     sing N N 142 
U   N1    C6     sing N N 143 
U   C2    O2     doub N N 144 
U   C2    N3     sing N N 145 
U   N3    C4     sing N N 146 
U   N3    H3     sing N N 147 
U   C4    O4     doub N N 148 
U   C4    C5     sing N N 149 
U   C5    C6     doub N N 150 
U   C5    H5     sing N N 151 
U   C6    H6     sing N N 152 
# 
loop_
_ndb_struct_conf_na.entry_id 
_ndb_struct_conf_na.feature 
8FEO 'a-form double helix'  
8FEO 'mismatched base pair' 
# 
loop_
_ndb_struct_na_base_pair.model_number 
_ndb_struct_na_base_pair.i_label_asym_id 
_ndb_struct_na_base_pair.i_label_comp_id 
_ndb_struct_na_base_pair.i_label_seq_id 
_ndb_struct_na_base_pair.i_symmetry 
_ndb_struct_na_base_pair.j_label_asym_id 
_ndb_struct_na_base_pair.j_label_comp_id 
_ndb_struct_na_base_pair.j_label_seq_id 
_ndb_struct_na_base_pair.j_symmetry 
_ndb_struct_na_base_pair.shear 
_ndb_struct_na_base_pair.stretch 
_ndb_struct_na_base_pair.stagger 
_ndb_struct_na_base_pair.buckle 
_ndb_struct_na_base_pair.propeller 
_ndb_struct_na_base_pair.opening 
_ndb_struct_na_base_pair.pair_number 
_ndb_struct_na_base_pair.pair_name 
_ndb_struct_na_base_pair.i_auth_asym_id 
_ndb_struct_na_base_pair.i_auth_seq_id 
_ndb_struct_na_base_pair.i_PDB_ins_code 
_ndb_struct_na_base_pair.j_auth_asym_id 
_ndb_struct_na_base_pair.j_auth_seq_id 
_ndb_struct_na_base_pair.j_PDB_ins_code 
_ndb_struct_na_base_pair.hbond_type_28 
_ndb_struct_na_base_pair.hbond_type_12 
1 A A 1  1_555 A U 16 4_555 -0.018 -0.106 0.064  0.117  -9.621  1.696  1  AAA_A1:U16_AAA AAA 1  ? AAA 16 ? 20 1 
1 A G 2  1_555 A C 15 4_555 -0.179 -0.196 -0.172 -5.059 -15.118 -0.992 2  AAA_G2:C15_AAA AAA 2  ? AAA 15 ? 19 1 
1 A A 3  1_555 A U 14 4_555 0.099  -0.078 0.007  -3.039 -14.300 2.072  3  AAA_A3:U14_AAA AAA 3  ? AAA 14 ? 20 1 
1 A G 4  1_555 A C 13 4_555 -0.322 -0.182 -0.109 -5.108 -14.544 -0.169 4  AAA_G4:C13_AAA AAA 4  ? AAA 13 ? 19 1 
1 A U 5  1_555 A U 12 4_555 2.328  -1.534 0.006  -2.431 -9.436  0.939  5  AAA_U5:U12_AAA AAA 5  ? AAA 12 ? 16 1 
1 A A 6  1_555 A U 11 4_555 -0.149 -0.023 0.038  -5.442 -14.028 9.507  6  AAA_A6:U11_AAA AAA 6  ? AAA 11 ? 20 1 
1 A G 7  1_555 A C 10 4_555 -0.145 -0.114 0.037  -2.404 -6.277  -1.152 7  AAA_G7:C10_AAA AAA 7  ? AAA 10 ? 19 1 
1 A A 8  1_555 A U 9  4_555 -0.103 -0.048 -0.134 -0.776 -12.960 1.553  8  AAA_A8:U9_AAA  AAA 8  ? AAA 9  ? 20 1 
1 A U 9  1_555 A A 8  4_555 0.103  -0.048 -0.134 0.776  -12.960 1.553  9  AAA_U9:A8_AAA  AAA 9  ? AAA 8  ? 20 1 
1 A C 10 1_555 A G 7  4_555 0.145  -0.114 0.037  2.404  -6.277  -1.152 10 AAA_C10:G7_AAA AAA 10 ? AAA 7  ? 19 1 
1 A U 11 1_555 A A 6  4_555 0.149  -0.023 0.038  5.442  -14.028 9.507  11 AAA_U11:A6_AAA AAA 11 ? AAA 6  ? 20 1 
1 A U 12 1_555 A U 5  4_555 -2.328 -1.534 0.006  2.431  -9.436  0.939  12 AAA_U12:U5_AAA AAA 12 ? AAA 5  ? 16 1 
1 A C 13 1_555 A G 4  4_555 0.322  -0.182 -0.109 5.108  -14.544 -0.169 13 AAA_C13:G4_AAA AAA 13 ? AAA 4  ? 19 1 
1 A U 14 1_555 A A 3  4_555 -0.099 -0.078 0.007  3.039  -14.300 2.072  14 AAA_U14:A3_AAA AAA 14 ? AAA 3  ? 20 1 
1 A C 15 1_555 A G 2  4_555 0.179  -0.196 -0.172 5.059  -15.118 -0.992 15 AAA_C15:G2_AAA AAA 15 ? AAA 2  ? 19 1 
1 A U 16 1_555 A A 1  4_555 0.018  -0.106 0.064  -0.117 -9.621  1.696  16 AAA_U16:A1_AAA AAA 16 ? AAA 1  ? 20 1 
# 
loop_
_ndb_struct_na_base_pair_step.model_number 
_ndb_struct_na_base_pair_step.i_label_asym_id_1 
_ndb_struct_na_base_pair_step.i_label_comp_id_1 
_ndb_struct_na_base_pair_step.i_label_seq_id_1 
_ndb_struct_na_base_pair_step.i_symmetry_1 
_ndb_struct_na_base_pair_step.j_label_asym_id_1 
_ndb_struct_na_base_pair_step.j_label_comp_id_1 
_ndb_struct_na_base_pair_step.j_label_seq_id_1 
_ndb_struct_na_base_pair_step.j_symmetry_1 
_ndb_struct_na_base_pair_step.i_label_asym_id_2 
_ndb_struct_na_base_pair_step.i_label_comp_id_2 
_ndb_struct_na_base_pair_step.i_label_seq_id_2 
_ndb_struct_na_base_pair_step.i_symmetry_2 
_ndb_struct_na_base_pair_step.j_label_asym_id_2 
_ndb_struct_na_base_pair_step.j_label_comp_id_2 
_ndb_struct_na_base_pair_step.j_label_seq_id_2 
_ndb_struct_na_base_pair_step.j_symmetry_2 
_ndb_struct_na_base_pair_step.shift 
_ndb_struct_na_base_pair_step.slide 
_ndb_struct_na_base_pair_step.rise 
_ndb_struct_na_base_pair_step.tilt 
_ndb_struct_na_base_pair_step.roll 
_ndb_struct_na_base_pair_step.twist 
_ndb_struct_na_base_pair_step.x_displacement 
_ndb_struct_na_base_pair_step.y_displacement 
_ndb_struct_na_base_pair_step.helical_rise 
_ndb_struct_na_base_pair_step.inclination 
_ndb_struct_na_base_pair_step.tip 
_ndb_struct_na_base_pair_step.helical_twist 
_ndb_struct_na_base_pair_step.step_number 
_ndb_struct_na_base_pair_step.step_name 
_ndb_struct_na_base_pair_step.i_auth_asym_id_1 
_ndb_struct_na_base_pair_step.i_auth_seq_id_1 
_ndb_struct_na_base_pair_step.i_PDB_ins_code_1 
_ndb_struct_na_base_pair_step.j_auth_asym_id_1 
_ndb_struct_na_base_pair_step.j_auth_seq_id_1 
_ndb_struct_na_base_pair_step.j_PDB_ins_code_1 
_ndb_struct_na_base_pair_step.i_auth_asym_id_2 
_ndb_struct_na_base_pair_step.i_auth_seq_id_2 
_ndb_struct_na_base_pair_step.i_PDB_ins_code_2 
_ndb_struct_na_base_pair_step.j_auth_asym_id_2 
_ndb_struct_na_base_pair_step.j_auth_seq_id_2 
_ndb_struct_na_base_pair_step.j_PDB_ins_code_2 
1 A A 1  1_555 A U 16 4_555 A G 2  1_555 A C 15 4_555 -0.597 -1.104 3.344 -0.023 8.048  33.757 -3.069 0.999  3.009 13.620 0.038   
34.676 1  AAAAAA_A1G2:C15U16_AAAAAA AAA 1  ? AAA 16 ? AAA 2  ? AAA 15 ? 
1 A G 2  1_555 A C 15 4_555 A A 3  1_555 A U 14 4_555 0.711  -1.149 3.175 0.405  4.690  33.742 -2.669 -1.152 3.000 8.030  -0.693  
34.060 2  AAAAAA_G2A3:U14C15_AAAAAA AAA 2  ? AAA 15 ? AAA 3  ? AAA 14 ? 
1 A A 3  1_555 A U 14 4_555 A G 4  1_555 A C 13 4_555 -0.248 -1.407 3.277 -0.584 10.716 30.581 -4.290 0.349  2.651 19.575 1.067   
32.367 3  AAAAAA_A3G4:C13U14_AAAAAA AAA 3  ? AAA 14 ? AAA 4  ? AAA 13 ? 
1 A G 4  1_555 A C 13 4_555 A U 5  1_555 A U 12 4_555 0.356  -1.193 3.319 0.213  7.789  41.807 -2.423 -0.470 3.061 10.802 -0.295  
42.495 4  AAAAAA_G4U5:U12C13_AAAAAA AAA 4  ? AAA 13 ? AAA 5  ? AAA 12 ? 
1 A U 5  1_555 A U 12 4_555 A A 6  1_555 A U 11 4_555 1.118  -2.158 3.105 6.893  19.150 22.309 -7.143 -1.077 1.210 40.325 -14.515 
30.111 5  AAAAAA_U5A6:U11U12_AAAAAA AAA 5  ? AAA 12 ? AAA 6  ? AAA 11 ? 
1 A A 6  1_555 A U 11 4_555 A G 7  1_555 A C 10 4_555 -0.830 -2.011 3.096 -0.991 6.320  25.924 -5.805 1.570  2.571 13.820 2.168   
26.689 6  AAAAAA_A6G7:C10U11_AAAAAA AAA 6  ? AAA 11 ? AAA 7  ? AAA 10 ? 
1 A G 7  1_555 A C 10 4_555 A A 8  1_555 A U 9  4_555 -0.267 -1.508 3.237 1.063  7.386  31.863 -3.876 0.646  2.816 13.229 -1.904  
32.704 7  AAAAAA_G7A8:U9C10_AAAAAA  AAA 7  ? AAA 10 ? AAA 8  ? AAA 9  ? 
1 A A 8  1_555 A U 9  4_555 A U 9  1_555 A A 8  4_555 0.000  -1.182 3.230 0.000  6.448  32.494 -3.110 0.000  2.947 11.383 0.000   
33.110 8  AAAAAA_A8U9:A8U9_AAAAAA   AAA 8  ? AAA 9  ? AAA 9  ? AAA 8  ? 
1 A U 9  1_555 A A 8  4_555 A C 10 1_555 A G 7  4_555 0.267  -1.508 3.237 -1.063 7.386  31.863 -3.876 -0.646 2.816 13.229 1.904   
32.704 9  AAAAAA_U9C10:G7A8_AAAAAA  AAA 9  ? AAA 8  ? AAA 10 ? AAA 7  ? 
1 A C 10 1_555 A G 7  4_555 A U 11 1_555 A A 6  4_555 0.830  -2.011 3.096 0.991  6.320  25.924 -5.805 -1.570 2.571 13.820 -2.168  
26.689 10 AAAAAA_C10U11:A6G7_AAAAAA AAA 10 ? AAA 7  ? AAA 11 ? AAA 6  ? 
1 A U 11 1_555 A A 6  4_555 A U 12 1_555 A U 5  4_555 -1.118 -2.158 3.105 -6.893 19.150 22.309 -7.143 1.077  1.210 40.325 14.515  
30.111 11 AAAAAA_U11U12:U5A6_AAAAAA AAA 11 ? AAA 6  ? AAA 12 ? AAA 5  ? 
1 A U 12 1_555 A U 5  4_555 A C 13 1_555 A G 4  4_555 -0.356 -1.193 3.319 -0.213 7.789  41.807 -2.423 0.470  3.061 10.802 0.295   
42.495 12 AAAAAA_U12C13:G4U5_AAAAAA AAA 12 ? AAA 5  ? AAA 13 ? AAA 4  ? 
1 A C 13 1_555 A G 4  4_555 A U 14 1_555 A A 3  4_555 0.248  -1.407 3.277 0.584  10.716 30.581 -4.290 -0.349 2.651 19.575 -1.067  
32.367 13 AAAAAA_C13U14:A3G4_AAAAAA AAA 13 ? AAA 4  ? AAA 14 ? AAA 3  ? 
1 A U 14 1_555 A A 3  4_555 A C 15 1_555 A G 2  4_555 -0.711 -1.149 3.175 -0.405 4.690  33.742 -2.669 1.152  3.000 8.030  0.693   
34.060 14 AAAAAA_U14C15:G2A3_AAAAAA AAA 14 ? AAA 3  ? AAA 15 ? AAA 2  ? 
1 A C 15 1_555 A G 2  4_555 A U 16 1_555 A A 1  4_555 0.597  -1.104 3.344 0.023  8.048  33.757 -3.069 -0.999 3.009 13.620 -0.038  
34.676 15 AAAAAA_C15U16:A1G2_AAAAAA AAA 15 ? AAA 2  ? AAA 16 ? AAA 1  ? 
# 
loop_
_pdbx_audit_support.funding_organization 
_pdbx_audit_support.country 
_pdbx_audit_support.grant_number 
_pdbx_audit_support.ordinal 
'Simons Foundation'                      'United States' 290363FY18 1 
'Howard Hughes Medical Institute (HHMI)' 'United States' ?          2 
# 
_pdbx_initial_refinement_model.id               1 
_pdbx_initial_refinement_model.entity_id_list   ? 
_pdbx_initial_refinement_model.type             'experimental model' 
_pdbx_initial_refinement_model.source_name      PDB 
_pdbx_initial_refinement_model.accession_code   3ND4 
_pdbx_initial_refinement_model.details          ? 
# 
_atom_sites.entry_id                    8FEO 
_atom_sites.Cartn_transf_matrix[1][1]   ? 
_atom_sites.Cartn_transf_matrix[1][2]   ? 
_atom_sites.Cartn_transf_matrix[1][3]   ? 
_atom_sites.Cartn_transf_matrix[2][1]   ? 
_atom_sites.Cartn_transf_matrix[2][2]   ? 
_atom_sites.Cartn_transf_matrix[2][3]   ? 
_atom_sites.Cartn_transf_matrix[3][1]   ? 
_atom_sites.Cartn_transf_matrix[3][2]   ? 
_atom_sites.Cartn_transf_matrix[3][3]   ? 
_atom_sites.Cartn_transf_vector[1]      ? 
_atom_sites.Cartn_transf_vector[2]      ? 
_atom_sites.Cartn_transf_vector[3]      ? 
_atom_sites.fract_transf_matrix[1][1]   0.01786678 
_atom_sites.fract_transf_matrix[1][2]   0.01343963 
_atom_sites.fract_transf_matrix[1][3]   -0.01656017 
_atom_sites.fract_transf_matrix[2][1]   0.00829176 
_atom_sites.fract_transf_matrix[2][2]   0.02575572 
_atom_sites.fract_transf_matrix[2][3]   0.00647715 
_atom_sites.fract_transf_matrix[3][1]   0.00611422 
_atom_sites.fract_transf_matrix[3][2]   -0.00301251 
_atom_sites.fract_transf_matrix[3][3]   0.00415179 
_atom_sites.fract_transf_vector[1]      0.415729 
_atom_sites.fract_transf_vector[2]      0.441437 
_atom_sites.fract_transf_vector[3]      -0.016112 
_atom_sites.solution_primary            ? 
_atom_sites.solution_secondary          ? 
_atom_sites.solution_hydrogens          ? 
_atom_sites.special_details             ? 
# 
loop_
_atom_type.symbol 
_atom_type.pdbx_scat_Z 
_atom_type.pdbx_N_electrons 
_atom_type.scat_Cromer_Mann_a1 
_atom_type.scat_Cromer_Mann_b1 
_atom_type.scat_Cromer_Mann_a2 
_atom_type.scat_Cromer_Mann_b2 
_atom_type.scat_Cromer_Mann_a3 
_atom_type.scat_Cromer_Mann_b3 
_atom_type.scat_Cromer_Mann_a4 
_atom_type.scat_Cromer_Mann_b4 
_atom_type.scat_Cromer_Mann_c 
C  6  6  2.310  20.844 1.020 10.208 1.589 0.569  0.865 51.651  0.216   
H  1  1  0.493  10.511 0.323 26.126 0.140 3.142  0.041 57.800  0.003   
MG 12 12 5.427  2.828  2.176 79.261 1.228 0.381  2.310 7.194   0.859   
N  7  7  12.222 0.006  3.135 9.893  2.014 28.997 1.167 0.583   -11.538 
O  8  8  3.049  13.277 2.287 5.701  1.546 0.324  0.867 32.909  0.251   
P  15 15 6.435  1.907  4.179 27.157 1.780 0.526  1.491 68.164  1.115   
SR 38 38 17.574 1.556  9.823 14.099 5.424 0.166  2.671 132.376 2.508   
# 
loop_
_atom_site.group_PDB 
_atom_site.id 
_atom_site.type_symbol 
_atom_site.label_atom_id 
_atom_site.label_alt_id 
_atom_site.label_comp_id 
_atom_site.label_asym_id 
_atom_site.label_entity_id 
_atom_site.label_seq_id 
_atom_site.pdbx_PDB_ins_code 
_atom_site.Cartn_x 
_atom_site.Cartn_y 
_atom_site.Cartn_z 
_atom_site.occupancy 
_atom_site.B_iso_or_equiv 
_atom_site.pdbx_formal_charge 
_atom_site.auth_seq_id 
_atom_site.auth_comp_id 
_atom_site.auth_asym_id 
_atom_site.auth_atom_id 
_atom_site.pdbx_PDB_model_num 
_atom_site.calc_flag 
ATOM   1   O  "O5'" . A   A 1 1  ? 9.004   -9.645  14.330  1.000 27.075 0 1   A   AAA "O5'" 1 ? 
ATOM   2   C  "C5'" . A   A 1 1  ? 8.464   -9.168  15.549  1.000 22.608 0 1   A   AAA "C5'" 1 ? 
ATOM   3   C  "C4'" . A   A 1 1  ? 9.298   -8.045  16.101  1.000 21.192 0 1   A   AAA "C4'" 1 ? 
ATOM   4   O  "O4'" . A   A 1 1  ? 10.644  -8.493  16.422  1.000 18.060 0 1   A   AAA "O4'" 1 ? 
ATOM   5   C  "C3'" . A   A 1 1  ? 9.538   -6.835  15.201  1.000 19.742 0 1   A   AAA "C3'" 1 ? 
ATOM   6   O  "O3'" . A   A 1 1  ? 8.468   -5.931  15.380  1.000 21.405 0 1   A   AAA "O3'" 1 ? 
ATOM   7   C  "C2'" . A   A 1 1  ? 10.740  -6.195  15.874  1.000 18.984 0 1   A   AAA "C2'" 1 ? 
ATOM   8   O  "O2'" . A   A 1 1  ? 10.489  -5.545  17.105  1.000 19.145 0 1   A   AAA "O2'" 1 ? 
ATOM   9   C  "C1'" . A   A 1 1  ? 11.554  -7.450  16.123  1.000 18.435 0 1   A   AAA "C1'" 1 ? 
ATOM   10  N  N9    . A   A 1 1  ? 12.369  -7.930  15.013  1.000 15.934 0 1   A   AAA N9    1 ? 
ATOM   11  C  C8    . A   A 1 1  ? 12.175  -9.063  14.272  1.000 17.017 0 1   A   AAA C8    1 ? 
ATOM   12  N  N7    . A   A 1 1  ? 13.158  -9.331  13.432  1.000 17.672 0 1   A   AAA N7    1 ? 
ATOM   13  C  C5    . A   A 1 1  ? 14.046  -8.290  13.633  1.000 14.632 0 1   A   AAA C5    1 ? 
ATOM   14  C  C6    . A   A 1 1  ? 15.326  -8.045  13.078  1.000 13.367 0 1   A   AAA C6    1 ? 
ATOM   15  N  N6    . A   A 1 1  ? 15.881  -8.811  12.147  1.000 17.176 0 1   A   AAA N6    1 ? 
ATOM   16  N  N1    . A   A 1 1  ? 15.953  -6.923  13.475  1.000 14.495 0 1   A   AAA N1    1 ? 
ATOM   17  C  C2    . A   A 1 1  ? 15.380  -6.174  14.436  1.000 15.001 0 1   A   AAA C2    1 ? 
ATOM   18  N  N3    . A   A 1 1  ? 14.215  -6.332  15.073  1.000 15.526 0 1   A   AAA N3    1 ? 
ATOM   19  C  C4    . A   A 1 1  ? 13.593  -7.432  14.625  1.000 16.761 0 1   A   AAA C4    1 ? 
ATOM   20  P  P     . G   A 1 2  ? 7.956   -5.040  14.158  1.000 20.652 0 2   G   AAA P     1 ? 
ATOM   21  O  OP1   . G   A 1 2  ? 6.608   -4.467  14.539  1.000 24.483 0 2   G   AAA OP1   1 ? 
ATOM   22  O  OP2   . G   A 1 2  ? 8.061   -5.820  12.947  1.000 21.214 0 2   G   AAA OP2   1 ? 
ATOM   23  O  "O5'" . G   A 1 2  ? 9.016   -3.858  14.007  1.000 20.220 0 2   G   AAA "O5'" 1 ? 
ATOM   24  C  "C5'" . G   A 1 2  ? 9.133   -2.846  15.010  1.000 19.598 0 2   G   AAA "C5'" 1 ? 
ATOM   25  C  "C4'" . G   A 1 2  ? 10.384  -2.055  14.744  1.000 19.274 0 2   G   AAA "C4'" 1 ? 
ATOM   26  O  "O4'" . G   A 1 2  ? 11.579  -2.866  14.984  1.000 19.391 0 2   G   AAA "O4'" 1 ? 
ATOM   27  C  "C3'" . G   A 1 2  ? 10.548  -1.542  13.313  1.000 19.390 0 2   G   AAA "C3'" 1 ? 
ATOM   28  O  "O3'" . G   A 1 2  ? 9.685   -0.428  13.074  1.000 18.952 0 2   G   AAA "O3'" 1 ? 
ATOM   29  C  "C2'" . G   A 1 2  ? 12.039  -1.209  13.354  1.000 19.044 0 2   G   AAA "C2'" 1 ? 
ATOM   30  O  "O2'" . G   A 1 2  ? 12.345  -0.018  14.054  1.000 19.216 0 2   G   AAA "O2'" 1 ? 
ATOM   31  C  "C1'" . G   A 1 2  ? 12.585  -2.446  14.044  1.000 16.977 0 2   G   AAA "C1'" 1 ? 
ATOM   32  N  N9    . G   A 1 2  ? 12.846  -3.522  13.108  1.000 14.950 0 2   G   AAA N9    1 ? 
ATOM   33  C  C8    . G   A 1 2  ? 12.057  -4.617  12.850  1.000 15.684 0 2   G   AAA C8    1 ? 
ATOM   34  N  N7    . G   A 1 2  ? 12.564  -5.448  11.986  1.000 15.732 0 2   G   AAA N7    1 ? 
ATOM   35  C  C5    . G   A 1 2  ? 13.807  -4.902  11.690  1.000 14.625 0 2   G   AAA C5    1 ? 
ATOM   36  C  C6    . G   A 1 2  ? 14.805  -5.382  10.806  1.000 12.973 0 2   G   AAA C6    1 ? 
ATOM   37  O  O6    . G   A 1 2  ? 14.814  -6.412  10.145  1.000 14.707 0 2   G   AAA O6    1 ? 
ATOM   38  N  N1    . G   A 1 2  ? 15.867  -4.474  10.710  1.000 13.337 0 2   G   AAA N1    1 ? 
ATOM   39  C  C2    . G   A 1 2  ? 15.926  -3.274  11.377  1.000 14.343 0 2   G   AAA C2    1 ? 
ATOM   40  N  N2    . G   A 1 2  ? 17.008  -2.509  11.143  1.000 15.973 0 2   G   AAA N2    1 ? 
ATOM   41  N  N3    . G   A 1 2  ? 15.022  -2.845  12.258  1.000 14.770 0 2   G   AAA N3    1 ? 
ATOM   42  C  C4    . G   A 1 2  ? 13.965  -3.686  12.327  1.000 13.507 0 2   G   AAA C4    1 ? 
ATOM   43  P  P     . A   A 1 3  ? 9.105   -0.149  11.607  1.000 19.860 0 3   A   AAA P     1 ? 
ATOM   44  O  OP1   . A   A 1 3  ? 8.182   1.070   11.706  1.000 23.663 0 3   A   AAA OP1   1 ? 
ATOM   45  O  OP2   . A   A 1 3  ? 8.574   -1.379  10.954  1.000 21.497 0 3   A   AAA OP2   1 ? 
ATOM   46  O  "O5'" . A   A 1 3  ? 10.425  0.246   10.767  1.000 19.853 0 3   A   AAA "O5'" 1 ? 
ATOM   47  C  "C5'" . A   A 1 3  ? 11.198  1.397   11.110  1.000 19.087 0 3   A   AAA "C5'" 1 ? 
ATOM   48  C  "C4'" . A   A 1 3  ? 12.479  1.360   10.313  1.000 18.854 0 3   A   AAA "C4'" 1 ? 
ATOM   49  O  "O4'" . A   A 1 3  ? 13.280  0.222   10.696  1.000 17.880 0 3   A   AAA "O4'" 1 ? 
ATOM   50  C  "C3'" . A   A 1 3  ? 12.401  1.218   8.791   1.000 17.862 0 3   A   AAA "C3'" 1 ? 
ATOM   51  O  "O3'" . A   A 1 3  ? 12.089  2.498   8.273   1.000 18.437 0 3   A   AAA "O3'" 1 ? 
ATOM   52  C  "C2'" . A   A 1 3  ? 13.835  0.791   8.486   1.000 16.655 0 3   A   AAA "C2'" 1 ? 
ATOM   53  O  "O2'" . A   A 1 3  ? 14.749  1.869   8.559   1.000 18.649 0 3   A   AAA "O2'" 1 ? 
ATOM   54  C  "C1'" . A   A 1 3  ? 14.026  -0.243  9.582   1.000 16.736 0 3   A   AAA "C1'" 1 ? 
ATOM   55  N  N9    . A   A 1 3  ? 13.560  -1.575  9.211   1.000 17.095 0 3   A   AAA N9    1 ? 
ATOM   56  C  C8    . A   A 1 3  ? 12.369  -2.192  9.511   1.000 17.280 0 3   A   AAA C8    1 ? 
ATOM   57  N  N7    . A   A 1 3  ? 12.259  -3.382  9.002   1.000 16.930 0 3   A   AAA N7    1 ? 
ATOM   58  C  C5    . A   A 1 3  ? 13.486  -3.612  8.377   1.000 15.065 0 3   A   AAA C5    1 ? 
ATOM   59  C  C6    . A   A 1 3  ? 13.947  -4.683  7.577   1.000 14.713 0 3   A   AAA C6    1 ? 
ATOM   60  N  N6    . A   A 1 3  ? 13.306  -5.834  7.400   1.000 16.081 0 3   A   AAA N6    1 ? 
ATOM   61  N  N1    . A   A 1 3  ? 15.167  -4.521  7.000   1.000 16.093 0 3   A   AAA N1    1 ? 
ATOM   62  C  C2    . A   A 1 3  ? 15.860  -3.401  7.231   1.000 15.069 0 3   A   AAA C2    1 ? 
ATOM   63  N  N3    . A   A 1 3  ? 15.499  -2.285  7.903   1.000 17.023 0 3   A   AAA N3    1 ? 
ATOM   64  C  C4    . A   A 1 3  ? 14.267  -2.473  8.438   1.000 16.046 0 3   A   AAA C4    1 ? 
ATOM   65  P  P     . G   A 1 4  ? 11.383  2.596   6.826   1.000 19.800 0 4   G   AAA P     1 ? 
ATOM   66  O  OP1   . G   A 1 4  ? 10.961  4.035   6.664   1.000 22.305 0 4   G   AAA OP1   1 ? 
ATOM   67  O  OP2   . G   A 1 4  ? 10.339  1.585   6.572   1.000 21.991 0 4   G   AAA OP2   1 ? 
ATOM   68  O  "O5'" . G   A 1 4  ? 12.504  2.194   5.747   1.000 18.636 0 4   G   AAA "O5'" 1 ? 
ATOM   69  C  "C5'" . G   A 1 4  ? 13.608  3.062   5.445   1.000 17.712 0 4   G   AAA "C5'" 1 ? 
ATOM   70  C  "C4'" . G   A 1 4  ? 14.590  2.320   4.576   1.000 17.197 0 4   G   AAA "C4'" 1 ? 
ATOM   71  O  "O4'" . G   A 1 4  ? 15.120  1.146   5.246   1.000 17.085 0 4   G   AAA "O4'" 1 ? 
ATOM   72  C  "C3'" . G   A 1 4  ? 14.050  1.767   3.256   1.000 19.306 0 4   G   AAA "C3'" 1 ? 
ATOM   73  O  "O3'" . G   A 1 4  ? 13.893  2.812   2.302   1.000 21.306 0 4   G   AAA "O3'" 1 ? 
ATOM   74  C  "C2'" . G   A 1 4  ? 15.143  0.762   2.916   1.000 18.407 0 4   G   AAA "C2'" 1 ? 
ATOM   75  O  "O2'" . G   A 1 4  ? 16.312  1.349   2.414   1.000 21.893 0 4   G   AAA "O2'" 1 ? 
ATOM   76  C  "C1'" . G   A 1 4  ? 15.380  0.136   4.288   1.000 17.500 0 4   G   AAA "C1'" 1 ? 
ATOM   77  N  N9    . G   A 1 4  ? 14.494  -0.983  4.542   1.000 17.168 0 4   G   AAA N9    1 ? 
ATOM   78  C  C8    . G   A 1 4  ? 13.333  -1.005  5.248   1.000 15.692 0 4   G   AAA C8    1 ? 
ATOM   79  N  N7    . G   A 1 4  ? 12.729  -2.172  5.275   1.000 17.139 0 4   G   AAA N7    1 ? 
ATOM   80  C  C5    . G   A 1 4  ? 13.580  -2.962  4.491   1.000 16.057 0 4   G   AAA C5    1 ? 
ATOM   81  C  C6    . G   A 1 4  ? 13.447  -4.326  4.127   1.000 15.245 0 4   G   AAA C6    1 ? 
ATOM   82  O  O6    . G   A 1 4  ? 12.535  -5.105  4.469   1.000 16.698 0 4   G   AAA O6    1 ? 
ATOM   83  N  N1    . G   A 1 4  ? 14.472  -4.709  3.247   1.000 16.704 0 4   G   AAA N1    1 ? 
ATOM   84  C  C2    . G   A 1 4  ? 15.531  -3.933  2.835   1.000 16.885 0 4   G   AAA C2    1 ? 
ATOM   85  N  N2    . G   A 1 4  ? 16.399  -4.449  1.959   1.000 19.297 0 4   G   AAA N2    1 ? 
ATOM   86  N  N3    . G   A 1 4  ? 15.654  -2.642  3.169   1.000 17.948 0 4   G   AAA N3    1 ? 
ATOM   87  C  C4    . G   A 1 4  ? 14.640  -2.247  3.983   1.000 15.860 0 4   G   AAA C4    1 ? 
ATOM   88  P  P     . U   A 1 5  ? 12.635  2.681   1.296   1.000 21.574 0 5   U   AAA P     1 ? 
ATOM   89  O  OP1   . U   A 1 5  ? 12.689  3.937   0.411   1.000 25.313 0 5   U   AAA OP1   1 ? 
ATOM   90  O  OP2   . U   A 1 5  ? 11.357  2.460   1.993   1.000 21.327 0 5   U   AAA OP2   1 ? 
ATOM   91  O  "O5'" . U   A 1 5  ? 12.918  1.368   0.430   1.000 21.980 0 5   U   AAA "O5'" 1 ? 
ATOM   92  C  "C5'" . U   A 1 5  ? 14.058  1.249   -0.417  1.000 24.064 0 5   U   AAA "C5'" 1 ? 
ATOM   93  C  "C4'" . U   A 1 5  ? 14.080  -0.146  -1.002  1.000 23.271 0 5   U   AAA "C4'" 1 ? 
ATOM   94  O  "O4'" . U   A 1 5  ? 14.373  -1.140  0.016   1.000 22.310 0 5   U   AAA "O4'" 1 ? 
ATOM   95  C  "C3'" . U   A 1 5  ? 12.786  -0.662  -1.662  1.000 24.139 0 5   U   AAA "C3'" 1 ? 
ATOM   96  O  "O3'" . U   A 1 5  ? 12.564  0.056   -2.888  1.000 23.657 0 5   U   AAA "O3'" 1 ? 
ATOM   97  C  "C2'" . U   A 1 5  ? 13.137  -2.151  -1.744  1.000 22.532 0 5   U   AAA "C2'" 1 ? 
ATOM   98  O  "O2'" . U   A 1 5  ? 14.031  -2.366  -2.825  1.000 24.622 0 5   U   AAA "O2'" 1 ? 
ATOM   99  C  "C1'" . U   A 1 5  ? 13.768  -2.366  -0.347  1.000 21.736 0 5   U   AAA "C1'" 1 ? 
ATOM   100 N  N1    . U   A 1 5  ? 12.723  -2.710  0.658   1.000 19.842 0 5   U   AAA N1    1 ? 
ATOM   101 C  C2    . U   A 1 5  ? 12.287  -4.029  0.716   1.000 20.480 0 5   U   AAA C2    1 ? 
ATOM   102 O  O2    . U   A 1 5  ? 12.755  -4.920  0.033   1.000 24.689 0 5   U   AAA O2    1 ? 
ATOM   103 N  N3    . U   A 1 5  ? 11.287  -4.268  1.590   1.000 20.982 0 5   U   AAA N3    1 ? 
ATOM   104 C  C4    . U   A 1 5  ? 10.650  -3.366  2.409   1.000 19.929 0 5   U   AAA C4    1 ? 
ATOM   105 O  O4    . U   A 1 5  ? 9.748   -3.763  3.138   1.000 24.514 0 5   U   AAA O4    1 ? 
ATOM   106 C  C5    . U   A 1 5  ? 11.133  -2.016  2.298   1.000 19.294 0 5   U   AAA C5    1 ? 
ATOM   107 C  C6    . U   A 1 5  ? 12.102  -1.738  1.411   1.000 19.000 0 5   U   AAA C6    1 ? 
ATOM   108 P  P     . A   A 1 6  ? 11.051  0.437   -3.306  1.000 24.806 0 6   A   AAA P     1 ? 
ATOM   109 O  OP1   . A   A 1 6  ? 11.033  1.455   -4.425  1.000 28.932 0 6   A   AAA OP1   1 ? 
ATOM   110 O  OP2   . A   A 1 6  ? 10.102  0.742   -2.134  1.000 25.784 0 6   A   AAA OP2   1 ? 
ATOM   111 O  "O5'" . A   A 1 6  ? 10.495  -0.936  -3.942  1.000 21.751 0 6   A   AAA "O5'" 1 ? 
ATOM   112 C  "C5'" . A   A 1 6  ? 11.230  -1.562  -5.006  1.000 23.560 0 6   A   AAA "C5'" 1 ? 
ATOM   113 C  "C4'" . A   A 1 6  ? 10.783  -3.001  -5.091  1.000 21.481 0 6   A   AAA "C4'" 1 ? 
ATOM   114 O  "O4'" . A   A 1 6  ? 11.170  -3.710  -3.884  1.000 22.210 0 6   A   AAA "O4'" 1 ? 
ATOM   115 C  "C3'" . A   A 1 6  ? 9.276   -3.244  -5.169  1.000 21.644 0 6   A   AAA "C3'" 1 ? 
ATOM   116 O  "O3'" . A   A 1 6  ? 8.869   -3.058  -6.519  1.000 20.813 0 6   A   AAA "O3'" 1 ? 
ATOM   117 C  "C2'" . A   A 1 6  ? 9.226   -4.713  -4.734  1.000 21.285 0 6   A   AAA "C2'" 1 ? 
ATOM   118 O  "O2'" . A   A 1 6  ? 9.718   -5.560  -5.743  1.000 22.128 0 6   A   AAA "O2'" 1 ? 
ATOM   119 C  "C1'" . A   A 1 6  ? 10.233  -4.727  -3.581  1.000 20.909 0 6   A   AAA "C1'" 1 ? 
ATOM   120 N  N9    . A   A 1 6  ? 9.635   -4.488  -2.270  1.000 20.417 0 6   A   AAA N9    1 ? 
ATOM   121 C  C8    . A   A 1 6  ? 9.477   -3.298  -1.609  1.000 18.985 0 6   A   AAA C8    1 ? 
ATOM   122 N  N7    . A   A 1 6  ? 8.852   -3.409  -0.457  1.000 20.494 0 6   A   AAA N7    1 ? 
ATOM   123 C  C5    . A   A 1 6  ? 8.511   -4.750  -0.380  1.000 19.404 0 6   A   AAA C5    1 ? 
ATOM   124 C  C6    . A   A 1 6  ? 7.805   -5.512  0.586   1.000 18.855 0 6   A   AAA C6    1 ? 
ATOM   125 N  N6    . A   A 1 6  ? 7.273   -5.024  1.697   1.000 21.988 0 6   A   AAA N6    1 ? 
ATOM   126 N  N1    . A   A 1 6  ? 7.626   -6.826  0.321   1.000 18.507 0 6   A   AAA N1    1 ? 
ATOM   127 C  C2    . A   A 1 6  ? 8.112   -7.338  -0.816  1.000 17.947 0 6   A   AAA C2    1 ? 
ATOM   128 N  N3    . A   A 1 6  ? 8.800   -6.726  -1.778  1.000 19.366 0 6   A   AAA N3    1 ? 
ATOM   129 C  C4    . A   A 1 6  ? 8.983   -5.425  -1.489  1.000 18.758 0 6   A   AAA C4    1 ? 
ATOM   130 P  P     . G   A 1 7  ? 7.314   -2.770  -6.759  1.000 22.492 0 7   G   AAA P     1 ? 
ATOM   131 O  OP1   . G   A 1 7  ? 7.096   -2.357  -8.176  1.000 25.372 0 7   G   AAA OP1   1 ? 
ATOM   132 O  OP2   . G   A 1 7  ? 6.660   -1.963  -5.700  1.000 22.154 0 7   G   AAA OP2   1 ? 
ATOM   133 O  "O5'" . G   A 1 7  ? 6.815   -4.284  -6.744  1.000 26.403 0 7   G   AAA "O5'" 1 ? 
ATOM   134 C  "C5'" . G   A 1 7  ? 5.728   -4.633  -6.107  1.000 24.887 0 7   G   AAA "C5'" 1 ? 
ATOM   135 C  "C4'" . G   A 1 7  ? 5.633   -6.116  -6.344  1.000 24.598 0 7   G   AAA "C4'" 1 ? 
ATOM   136 O  "O4'" . G   A 1 7  ? 6.514   -6.834  -5.448  1.000 23.394 0 7   G   AAA "O4'" 1 ? 
ATOM   137 C  "C3'" . G   A 1 7  ? 4.221   -6.601  -6.095  1.000 24.317 0 7   G   AAA "C3'" 1 ? 
ATOM   138 O  "O3'" . G   A 1 7  ? 3.635   -6.702  -7.376  1.000 23.932 0 7   G   AAA "O3'" 1 ? 
ATOM   139 C  "C2'" . G   A 1 7  ? 4.462   -7.932  -5.406  1.000 20.469 0 7   G   AAA "C2'" 1 ? 
ATOM   140 O  "O2'" . G   A 1 7  ? 4.679   -8.895  -6.417  1.000 20.653 0 7   G   AAA "O2'" 1 ? 
ATOM   141 C  "C1'" . G   A 1 7  ? 5.699   -7.612  -4.584  1.000 20.797 0 7   G   AAA "C1'" 1 ? 
ATOM   142 N  N9    . G   A 1 7  ? 5.436   -6.881  -3.346  1.000 18.226 0 7   G   AAA N9    1 ? 
ATOM   143 C  C8    . G   A 1 7  ? 5.729   -5.592  -2.989  1.000 19.431 0 7   G   AAA C8    1 ? 
ATOM   144 N  N7    . G   A 1 7  ? 5.343   -5.263  -1.778  1.000 20.597 0 7   G   AAA N7    1 ? 
ATOM   145 C  C5    . G   A 1 7  ? 4.790   -6.442  -1.287  1.000 18.784 0 7   G   AAA C5    1 ? 
ATOM   146 C  C6    . G   A 1 7  ? 4.214   -6.724  -0.013  1.000 16.320 0 7   G   AAA C6    1 ? 
ATOM   147 O  O6    . G   A 1 7  ? 4.145   -6.005  0.996   1.000 18.857 0 7   G   AAA O6    1 ? 
ATOM   148 N  N1    . G   A 1 7  ? 3.787   -8.048  0.064   1.000 18.097 0 7   G   AAA N1    1 ? 
ATOM   149 C  C2    . G   A 1 7  ? 3.803   -8.934  -0.979  1.000 17.748 0 7   G   AAA C2    1 ? 
ATOM   150 N  N2    . G   A 1 7  ? 3.279   -10.151 -0.783  1.000 19.782 0 7   G   AAA N2    1 ? 
ATOM   151 N  N3    . G   A 1 7  ? 4.397   -8.694  -2.147  1.000 18.834 0 7   G   AAA N3    1 ? 
ATOM   152 C  C4    . G   A 1 7  ? 4.823   -7.417  -2.244  1.000 18.741 0 7   G   AAA C4    1 ? 
ATOM   153 P  P     . A   A 1 8  ? 2.074   -6.258  -7.367  1.000 26.688 0 8   A   AAA P     1 ? 
ATOM   154 O  OP1   . A   A 1 8  ? 1.698   -6.247  -8.854  1.000 30.543 0 8   A   AAA OP1   1 ? 
ATOM   155 O  OP2   . A   A 1 8  ? 1.813   -4.992  -6.594  1.000 31.952 0 8   A   AAA OP2   1 ? 
ATOM   156 O  "O5'" . A   A 1 8  ? 1.288   -7.412  -6.593  1.000 28.062 0 8   A   AAA "O5'" 1 ? 
ATOM   157 C  "C5'" . A   A 1 8  ? 1.321   -8.766  -7.116  1.000 28.734 0 8   A   AAA "C5'" 1 ? 
ATOM   158 C  "C4'" . A   A 1 8  ? 0.680   -9.677  -6.101  1.000 28.389 0 8   A   AAA "C4'" 1 ? 
ATOM   159 O  "O4'" . A   A 1 8  ? 1.474   -9.672  -4.893  1.000 26.133 0 8   A   AAA "O4'" 1 ? 
ATOM   160 C  "C3'" . A   A 1 8  ? -0.711  -9.265  -5.596  1.000 29.395 0 8   A   AAA "C3'" 1 ? 
ATOM   161 O  "O3'" . A   A 1 8  ? -1.726  -9.698  -6.493  1.000 29.615 0 8   A   AAA "O3'" 1 ? 
ATOM   162 C  "C2'" . A   A 1 8  ? -0.762  -10.067 -4.305  1.000 28.449 0 8   A   AAA "C2'" 1 ? 
ATOM   163 O  "O2'" . A   A 1 8  ? -0.902  -11.457 -4.521  1.000 32.874 0 8   A   AAA "O2'" 1 ? 
ATOM   164 C  "C1'" . A   A 1 8  ? 0.627   -9.751  -3.769  1.000 28.345 0 8   A   AAA "C1'" 1 ? 
ATOM   165 N  N9    . A   A 1 8  ? 0.749   -8.520  -2.995  1.000 24.551 0 8   A   AAA N9    1 ? 
ATOM   166 C  C8    . A   A 1 8  ? 1.303   -7.323  -3.357  1.000 23.216 0 8   A   AAA C8    1 ? 
ATOM   167 N  N7    . A   A 1 8  ? 1.381   -6.455  -2.373  1.000 21.822 0 8   A   AAA N7    1 ? 
ATOM   168 C  C5    . A   A 1 8  ? 0.831   -7.113  -1.291  1.000 21.501 0 8   A   AAA C5    1 ? 
ATOM   169 C  C6    . A   A 1 8  ? 0.588   -6.719  0.041   1.000 20.047 0 8   A   AAA C6    1 ? 
ATOM   170 N  N6    . A   A 1 8  ? 0.898   -5.527  0.510   1.000 22.618 0 8   A   AAA N6    1 ? 
ATOM   171 N  N1    . A   A 1 8  ? 0.024   -7.620  0.873   1.000 23.300 0 8   A   AAA N1    1 ? 
ATOM   172 C  C2    . A   A 1 8  ? -0.269  -8.822  0.375   1.000 24.257 0 8   A   AAA C2    1 ? 
ATOM   173 N  N3    . A   A 1 8  ? -0.121  -9.292  -0.858  1.000 24.642 0 8   A   AAA N3    1 ? 
ATOM   174 C  C4    . A   A 1 8  ? 0.450   -8.386  -1.657  1.000 23.518 0 8   A   AAA C4    1 ? 
ATOM   175 P  P     . U   A 1 9  ? -2.995  -8.727  -6.681  1.000 30.781 0 9   U   AAA P     1 ? 
ATOM   176 O  OP1   . U   A 1 9  ? -3.734  -9.219  -7.944  1.000 30.709 0 9   U   AAA OP1   1 ? 
ATOM   177 O  OP2   . U   A 1 9  ? -2.675  -7.278  -6.680  1.000 27.050 0 9   U   AAA OP2   1 ? 
ATOM   178 O  "O5'" . U   A 1 9  ? -3.859  -9.013  -5.392  1.000 29.569 0 9   U   AAA "O5'" 1 ? 
ATOM   179 C  "C5'" . U   A 1 9  ? -4.378  -10.339 -5.140  1.000 32.697 0 9   U   AAA "C5'" 1 ? 
ATOM   180 C  "C4'" . U   A 1 9  ? -4.885  -10.409 -3.723  1.000 33.364 0 9   U   AAA "C4'" 1 ? 
ATOM   181 O  "O4'" . U   A 1 9  ? -3.789  -10.209 -2.780  1.000 33.027 0 9   U   AAA "O4'" 1 ? 
ATOM   182 C  "C3'" . U   A 1 9  ? -5.907  -9.337  -3.305  1.000 32.577 0 9   U   AAA "C3'" 1 ? 
ATOM   183 O  "O3'" . U   A 1 9  ? -7.226  -9.644  -3.749  1.000 32.398 0 9   U   AAA "O3'" 1 ? 
ATOM   184 C  "C2'" . U   A 1 9  ? -5.792  -9.438  -1.788  1.000 33.721 0 9   U   AAA "C2'" 1 ? 
ATOM   185 O  "O2'" . U   A 1 9  ? -6.400  -10.613 -1.309  1.000 36.349 0 9   U   AAA "O2'" 1 ? 
ATOM   186 C  "C1'" . U   A 1 9  ? -4.272  -9.531  -1.630  1.000 32.013 0 9   U   AAA "C1'" 1 ? 
ATOM   187 N  N1    . U   A 1 9  ? -3.611  -8.204  -1.518  1.000 26.771 0 9   U   AAA N1    1 ? 
ATOM   188 C  C2    . U   A 1 9  ? -3.593  -7.597  -0.269  1.000 25.043 0 9   U   AAA C2    1 ? 
ATOM   189 O  O2    . U   A 1 9  ? -4.134  -8.076  0.720   1.000 28.189 0 9   U   AAA O2    1 ? 
ATOM   190 N  N3    . U   A 1 9  ? -2.955  -6.378  -0.213  1.000 25.153 0 9   U   AAA N3    1 ? 
ATOM   191 C  C4    . U   A 1 9  ? -2.345  -5.721  -1.252  1.000 24.796 0 9   U   AAA C4    1 ? 
ATOM   192 O  O4    . U   A 1 9  ? -1.818  -4.629  -1.039  1.000 24.236 0 9   U   AAA O4    1 ? 
ATOM   193 C  C5    . U   A 1 9  ? -2.417  -6.389  -2.518  1.000 23.098 0 9   U   AAA C5    1 ? 
ATOM   194 C  C6    . U   A 1 9  ? -3.031  -7.585  -2.613  1.000 23.996 0 9   U   AAA C6    1 ? 
ATOM   195 P  P     . C   A 1 10 ? -8.198  -8.438  -4.165  1.000 34.949 0 10  C   AAA P     1 ? 
ATOM   196 O  OP1   . C   A 1 10 ? -9.469  -9.001  -4.831  1.000 36.093 0 10  C   AAA OP1   1 ? 
ATOM   197 O  OP2   . C   A 1 10 ? -7.549  -7.276  -4.878  1.000 34.073 0 10  C   AAA OP2   1 ? 
ATOM   198 O  "O5'" . C   A 1 10 ? -8.695  -7.862  -2.728  1.000 33.322 0 10  C   AAA "O5'" 1 ? 
ATOM   199 C  "C5'" . C   A 1 10 ? -9.444  -8.684  -1.815  1.000 30.894 0 10  C   AAA "C5'" 1 ? 
ATOM   200 C  "C4'" . C   A 1 10 ? -9.506  -7.952  -0.493  1.000 29.267 0 10  C   AAA "C4'" 1 ? 
ATOM   201 O  "O4'" . C   A 1 10 ? -8.163  -7.818  0.056   1.000 28.832 0 10  C   AAA "O4'" 1 ? 
ATOM   202 C  "C3'" . C   A 1 10 ? -10.028 -6.506  -0.510  1.000 27.427 0 10  C   AAA "C3'" 1 ? 
ATOM   203 O  "O3'" . C   A 1 10 ? -11.447 -6.398  -0.574  1.000 29.410 0 10  C   AAA "O3'" 1 ? 
ATOM   204 C  "C2'" . C   A 1 10 ? -9.507  -6.042  0.848   1.000 26.680 0 10  C   AAA "C2'" 1 ? 
ATOM   205 O  "O2'" . C   A 1 10 ? -10.206 -6.588  1.939   1.000 29.773 0 10  C   AAA "O2'" 1 ? 
ATOM   206 C  "C1'" . C   A 1 10 ? -8.094  -6.636  0.815   1.000 26.964 0 10  C   AAA "C1'" 1 ? 
ATOM   207 N  N1    . C   A 1 10 ? -7.104  -5.701  0.221   1.000 21.954 0 10  C   AAA N1    1 ? 
ATOM   208 C  C2    . C   A 1 10 ? -6.677  -4.677  1.081   1.000 19.963 0 10  C   AAA C2    1 ? 
ATOM   209 O  O2    . C   A 1 10 ? -7.120  -4.628  2.245   1.000 20.464 0 10  C   AAA O2    1 ? 
ATOM   210 N  N3    . C   A 1 10 ? -5.771  -3.781  0.612   1.000 20.280 0 10  C   AAA N3    1 ? 
ATOM   211 C  C4    . C   A 1 10 ? -5.319  -3.864  -0.651  1.000 20.017 0 10  C   AAA C4    1 ? 
ATOM   212 N  N4    . C   A 1 10 ? -4.455  -2.952  -1.072  1.000 19.644 0 10  C   AAA N4    1 ? 
ATOM   213 C  C5    . C   A 1 10 ? -5.760  -4.879  -1.544  1.000 20.532 0 10  C   AAA C5    1 ? 
ATOM   214 C  C6    . C   A 1 10 ? -6.651  -5.767  -1.066  1.000 19.137 0 10  C   AAA C6    1 ? 
ATOM   215 P  P     . U   A 1 11 ? -12.064 -5.121  -1.335  1.000 30.671 0 11  U   AAA P     1 ? 
ATOM   216 O  OP1   . U   A 1 11 ? -13.581 -5.309  -1.491  1.000 34.153 0 11  U   AAA OP1   1 ? 
ATOM   217 O  OP2   . U   A 1 11 ? -11.350 -4.731  -2.616  1.000 31.816 0 11  U   AAA OP2   1 ? 
ATOM   218 O  "O5'" . U   A 1 11 ? -11.880 -3.844  -0.319  1.000 25.310 0 11  U   AAA "O5'" 1 ? 
ATOM   219 C  "C5'" . U   A 1 11 ? -12.381 -3.955  1.011   1.000 24.289 0 11  U   AAA "C5'" 1 ? 
ATOM   220 C  "C4'" . U   A 1 11 ? -11.754 -2.882  1.860   1.000 23.127 0 11  U   AAA "C4'" 1 ? 
ATOM   221 O  "O4'" . U   A 1 11 ? -10.320 -3.103  1.920   1.000 23.379 0 11  U   AAA "O4'" 1 ? 
ATOM   222 C  "C3'" . U   A 1 11 ? -11.871 -1.422  1.394   1.000 24.412 0 11  U   AAA "C3'" 1 ? 
ATOM   223 O  "O3'" . U   A 1 11 ? -13.173 -0.891  1.618   1.000 23.931 0 11  U   AAA "O3'" 1 ? 
ATOM   224 C  "C2'" . U   A 1 11 ? -10.810 -0.793  2.298   1.000 21.859 0 11  U   AAA "C2'" 1 ? 
ATOM   225 O  "O2'" . U   A 1 11 ? -11.265 -0.621  3.628   1.000 24.850 0 11  U   AAA "O2'" 1 ? 
ATOM   226 C  "C1'" . U   A 1 11 ? -9.703  -1.855  2.164   1.000 22.374 0 11  U   AAA "C1'" 1 ? 
ATOM   227 N  N1    . U   A 1 11 ? -8.771  -1.550  1.066   1.000 22.393 0 11  U   AAA N1    1 ? 
ATOM   228 C  C2    . U   A 1 11 ? -7.920  -0.478  1.294   1.000 19.336 0 11  U   AAA C2    1 ? 
ATOM   229 O  O2    . U   A 1 11 ? -7.860  0.095   2.371   1.000 23.364 0 11  U   AAA O2    1 ? 
ATOM   230 N  N3    . U   A 1 11 ? -7.104  -0.191  0.255   1.000 20.344 0 11  U   AAA N3    1 ? 
ATOM   231 C  C4    . U   A 1 11 ? -7.059  -0.795  -0.983  1.000 20.782 0 11  U   AAA C4    1 ? 
ATOM   232 O  O4    . U   A 1 11 ? -6.230  -0.402  -1.802  1.000 24.694 0 11  U   AAA O4    1 ? 
ATOM   233 C  C5    . U   A 1 11 ? -8.015  -1.843  -1.179  1.000 23.433 0 11  U   AAA C5    1 ? 
ATOM   234 C  C6    . U   A 1 11 ? -8.824  -2.167  -0.154  1.000 21.264 0 11  U   AAA C6    1 ? 
ATOM   235 P  P     . U   A 1 12 ? -13.729 0.382   0.794   1.000 23.269 0 12  U   AAA P     1 ? 
ATOM   236 O  OP1   . U   A 1 12 ? -15.229 0.403   1.106   1.000 26.951 0 12  U   AAA OP1   1 ? 
ATOM   237 O  OP2   . U   A 1 12 ? -13.305 0.421   -0.592  1.000 22.466 0 12  U   AAA OP2   1 ? 
ATOM   238 O  "O5'" . U   A 1 12 ? -13.045 1.617   1.553   1.000 20.769 0 12  U   AAA "O5'" 1 ? 
ATOM   239 C  "C5'" . U   A 1 12 ? -13.479 1.979   2.853   1.000 21.365 0 12  U   AAA "C5'" 1 ? 
ATOM   240 C  "C4'" . U   A 1 12 ? -12.859 3.305   3.180   1.000 22.211 0 12  U   AAA "C4'" 1 ? 
ATOM   241 O  "O4'" . U   A 1 12 ? -11.420 3.202   3.179   1.000 21.735 0 12  U   AAA "O4'" 1 ? 
ATOM   242 C  "C3'" . U   A 1 12 ? -13.142 4.443   2.193   1.000 24.549 0 12  U   AAA "C3'" 1 ? 
ATOM   243 O  "O3'" . U   A 1 12 ? -14.433 4.999   2.399   1.000 23.901 0 12  U   AAA "O3'" 1 ? 
ATOM   244 C  "C2'" . U   A 1 12 ? -12.075 5.434   2.633   1.000 23.938 0 12  U   AAA "C2'" 1 ? 
ATOM   245 O  "O2'" . U   A 1 12 ? -12.384 6.087   3.858   1.000 25.802 0 12  U   AAA "O2'" 1 ? 
ATOM   246 C  "C1'" . U   A 1 12 ? -10.898 4.476   2.833   1.000 25.059 0 12  U   AAA "C1'" 1 ? 
ATOM   247 N  N1    . U   A 1 12 ? -9.997  4.293   1.669   1.000 23.726 0 12  U   AAA N1    1 ? 
ATOM   248 C  C2    . U   A 1 12 ? -9.050  5.293   1.440   1.000 25.950 0 12  U   AAA C2    1 ? 
ATOM   249 O  O2    . U   A 1 12 ? -9.046  6.328   2.089   1.000 29.680 0 12  U   AAA O2    1 ? 
ATOM   250 N  N3    . U   A 1 12 ? -8.151  5.032   0.431   1.000 25.219 0 12  U   AAA N3    1 ? 
ATOM   251 C  C4    . U   A 1 12 ? -8.092  3.922   -0.374  1.000 24.868 0 12  U   AAA C4    1 ? 
ATOM   252 O  O4    . U   A 1 12 ? -7.243  3.851   -1.272  1.000 28.781 0 12  U   AAA O4    1 ? 
ATOM   253 C  C5    . U   A 1 12 ? -9.091  2.931   -0.081  1.000 23.367 0 12  U   AAA C5    1 ? 
ATOM   254 C  C6    . U   A 1 12 ? -9.960  3.131   0.928   1.000 21.901 0 12  U   AAA C6    1 ? 
ATOM   255 P  P     . C   A 1 13 ? -15.264 5.450   1.134   1.000 23.100 0 13  C   AAA P     1 ? 
ATOM   256 O  OP1   . C   A 1 13 ? -16.694 5.793   1.571   1.000 24.203 0 13  C   AAA OP1   1 ? 
ATOM   257 O  OP2   . C   A 1 13 ? -15.184 4.577   -0.121  1.000 20.743 0 13  C   AAA OP2   1 ? 
ATOM   258 O  "O5'" . C   A 1 13 ? -14.569 6.811   0.624   1.000 20.485 0 13  C   AAA "O5'" 1 ? 
ATOM   259 C  "C5'" . C   A 1 13 ? -14.597 7.912   1.494   1.000 19.314 0 13  C   AAA "C5'" 1 ? 
ATOM   260 C  "C4'" . C   A 1 13 ? -13.590 8.915   0.981   1.000 18.952 0 13  C   AAA "C4'" 1 ? 
ATOM   261 O  "O4'" . C   A 1 13 ? -12.263 8.340   1.067   1.000 19.999 0 13  C   AAA "O4'" 1 ? 
ATOM   262 C  "C3'" . C   A 1 13 ? -13.719 9.361   -0.483  1.000 18.609 0 13  C   AAA "C3'" 1 ? 
ATOM   263 O  "O3'" . C   A 1 13 ? -14.716 10.362  -0.662  1.000 18.022 0 13  C   AAA "O3'" 1 ? 
ATOM   264 C  "C2'" . C   A 1 13 ? -12.309 9.929   -0.683  1.000 18.569 0 13  C   AAA "C2'" 1 ? 
ATOM   265 O  "O2'" . C   A 1 13 ? -12.112 11.128  0.032   1.000 19.582 0 13  C   AAA "O2'" 1 ? 
ATOM   266 C  "C1'" . C   A 1 13 ? -11.450 8.879   0.035   1.000 18.287 0 13  C   AAA "C1'" 1 ? 
ATOM   267 N  N1    . C   A 1 13 ? -10.984 7.794   -0.868  1.000 17.433 0 13  C   AAA N1    1 ? 
ATOM   268 C  C2    . C   A 1 13 ? -9.814  8.016   -1.619  1.000 17.204 0 13  C   AAA C2    1 ? 
ATOM   269 O  O2    . C   A 1 13 ? -9.263  9.118   -1.531  1.000 19.088 0 13  C   AAA O2    1 ? 
ATOM   270 N  N3    . C   A 1 13 ? -9.337  7.036   -2.410  1.000 17.551 0 13  C   AAA N3    1 ? 
ATOM   271 C  C4    . C   A 1 13 ? -9.974  5.872   -2.498  1.000 18.178 0 13  C   AAA C4    1 ? 
ATOM   272 N  N4    . C   A 1 13 ? -9.495  4.958   -3.322  1.000 17.095 0 13  C   AAA N4    1 ? 
ATOM   273 C  C5    . C   A 1 13 ? -11.194 5.638   -1.786  1.000 16.602 0 13  C   AAA C5    1 ? 
ATOM   274 C  C6    . C   A 1 13 ? -11.643 6.602   -0.973  1.000 17.281 0 13  C   AAA C6    1 ? 
ATOM   275 P  P     . U   A 1 14 ? -15.442 10.518  -2.068  1.000 18.440 0 14  U   AAA P     1 ? 
ATOM   276 O  OP1   . U   A 1 14 ? -16.534 11.559  -1.908  1.000 19.524 0 14  U   AAA OP1   1 ? 
ATOM   277 O  OP2   . U   A 1 14 ? -15.811 9.212   -2.673  1.000 20.059 0 14  U   AAA OP2   1 ? 
ATOM   278 O  "O5'" . U   A 1 14 ? -14.326 11.118  -3.081  1.000 16.647 0 14  U   AAA "O5'" 1 ? 
ATOM   279 C  "C5'" . U   A 1 14 ? -13.930 12.512  -2.917  1.000 17.714 0 14  U   AAA "C5'" 1 ? 
ATOM   280 C  "C4'" . U   A 1 14 ? -12.707 12.772  -3.758  1.000 16.421 0 14  U   AAA "C4'" 1 ? 
ATOM   281 O  "O4'" . U   A 1 14 ? -11.649 11.836  -3.431  1.000 16.275 0 14  U   AAA "O4'" 1 ? 
ATOM   282 C  "C3'" . U   A 1 14 ? -12.859 12.623  -5.274  1.000 16.552 0 14  U   AAA "C3'" 1 ? 
ATOM   283 O  "O3'" . U   A 1 14 ? -13.428 13.794  -5.816  1.000 15.550 0 14  U   AAA "O3'" 1 ? 
ATOM   284 C  "C2'" . U   A 1 14 ? -11.376 12.587  -5.631  1.000 14.970 0 14  U   AAA "C2'" 1 ? 
ATOM   285 O  "O2'" . U   A 1 14 ? -10.723 13.840  -5.446  1.000 17.037 0 14  U   AAA "O2'" 1 ? 
ATOM   286 C  "C1'" . U   A 1 14 ? -10.877 11.601  -4.588  1.000 15.754 0 14  U   AAA "C1'" 1 ? 
ATOM   287 N  N1    . U   A 1 14 ? -10.991 10.180  -4.972  1.000 14.184 0 14  U   AAA N1    1 ? 
ATOM   288 C  C2    . U   A 1 14 ? -9.969  9.654   -5.744  1.000 15.644 0 14  U   AAA C2    1 ? 
ATOM   289 O  O2    . U   A 1 14 ? -9.119  10.335  -6.252  1.000 16.254 0 14  U   AAA O2    1 ? 
ATOM   290 N  N3    . U   A 1 14 ? -10.046 8.313   -5.998  1.000 15.573 0 14  U   AAA N3    1 ? 
ATOM   291 C  C4    . U   A 1 14 ? -10.965 7.433   -5.491  1.000 16.364 0 14  U   AAA C4    1 ? 
ATOM   292 O  O4    . U   A 1 14 ? -10.911 6.241   -5.810  1.000 19.453 0 14  U   AAA O4    1 ? 
ATOM   293 C  C5    . U   A 1 14 ? -11.990 8.037   -4.681  1.000 15.583 0 14  U   AAA C5    1 ? 
ATOM   294 C  C6    . U   A 1 14 ? -11.957 9.359   -4.440  1.000 14.830 0 14  U   AAA C6    1 ? 
ATOM   295 P  P     . C   A 1 15 ? -14.213 13.796  -7.203  1.000 18.367 0 15  C   AAA P     1 ? 
ATOM   296 O  OP1   . C   A 1 15 ? -14.966 15.112  -7.331  1.000 20.520 0 15  C   AAA OP1   1 ? 
ATOM   297 O  OP2   . C   A 1 15 ? -14.972 12.514  -7.456  1.000 20.707 0 15  C   AAA OP2   1 ? 
ATOM   298 O  "O5'" . C   A 1 15 ? -13.093 13.776  -8.334  1.000 19.173 0 15  C   AAA "O5'" 1 ? 
ATOM   299 C  "C5'" . C   A 1 15 ? -12.177 14.878  -8.511  1.000 17.733 0 15  C   AAA "C5'" 1 ? 
ATOM   300 C  "C4'" . C   A 1 15 ? -11.022 14.423  -9.378  1.000 16.463 0 15  C   AAA "C4'" 1 ? 
ATOM   301 O  "O4'" . C   A 1 15 ? -10.319 13.307  -8.799  1.000 16.495 0 15  C   AAA "O4'" 1 ? 
ATOM   302 C  "C3'" . C   A 1 15 ? -11.419 13.896  -10.759 1.000 17.779 0 15  C   AAA "C3'" 1 ? 
ATOM   303 O  "O3'" . C   A 1 15 ? -11.613 14.951  -11.682 1.000 18.607 0 15  C   AAA "O3'" 1 ? 
ATOM   304 C  "C2'" . C   A 1 15 ? -10.164 13.148  -11.145 1.000 17.711 0 15  C   AAA "C2'" 1 ? 
ATOM   305 O  "O2'" . C   A 1 15 ? -9.042  13.976  -11.420 1.000 19.717 0 15  C   AAA "O2'" 1 ? 
ATOM   306 C  "C1'" . C   A 1 15 ? -9.833  12.459  -9.827  1.000 16.869 0 15  C   AAA "C1'" 1 ? 
ATOM   307 N  N1    . C   A 1 15 ? -10.477 11.135  -9.668  1.000 15.282 0 15  C   AAA N1    1 ? 
ATOM   308 C  C2    . C   A 1 15 ? -9.811  10.037  -10.191 1.000 16.473 0 15  C   AAA C2    1 ? 
ATOM   309 O  O2    . C   A 1 15 ? -8.820  10.209  -10.929 1.000 15.818 0 15  C   AAA O2    1 ? 
ATOM   310 N  N3    . C   A 1 15 ? -10.311 8.794   -9.907  1.000 14.889 0 15  C   AAA N3    1 ? 
ATOM   311 C  C4    . C   A 1 15 ? -11.373 8.643   -9.121  1.000 14.770 0 15  C   AAA C4    1 ? 
ATOM   312 N  N4    . C   A 1 15 ? -11.786 7.402   -8.850  1.000 15.347 0 15  C   AAA N4    1 ? 
ATOM   313 C  C5    . C   A 1 15 ? -12.091 9.771   -8.599  1.000 16.081 0 15  C   AAA C5    1 ? 
ATOM   314 C  C6    . C   A 1 15 ? -11.604 10.977  -8.906  1.000 15.691 0 15  C   AAA C6    1 ? 
ATOM   315 P  P     . U   A 1 16 ? -12.763 14.800  -12.763 1.000 19.081 0 16  U   AAA P     1 ? 
ATOM   316 O  OP1   . U   A 1 16 ? -12.803 16.165  -13.498 1.000 22.025 0 16  U   AAA OP1   1 ? 
ATOM   317 O  OP2   . U   A 1 16 ? -14.013 14.310  -12.187 1.000 19.518 0 16  U   AAA OP2   1 ? 
ATOM   318 O  "O5'" . U   A 1 16 ? -12.270 13.626  -13.827 1.000 16.964 0 16  U   AAA "O5'" 1 ? 
ATOM   319 C  "C5'" . U   A 1 16 ? -11.147 13.967  -14.674 1.000 16.617 0 16  U   AAA "C5'" 1 ? 
ATOM   320 C  "C4'" . U   A 1 16 ? -10.630 12.720  -15.341 1.000 17.286 0 16  U   AAA "C4'" 1 ? 
ATOM   321 O  "O4'" . U   A 1 16 ? -10.158 11.769  -14.338 1.000 17.356 0 16  U   AAA "O4'" 1 ? 
ATOM   322 C  "C3'" . U   A 1 16 ? -11.673 11.945  -16.157 1.000 17.839 0 16  U   AAA "C3'" 1 ? 
ATOM   323 O  "O3'" . U   A 1 16 ? -11.914 12.530  -17.443 1.000 18.704 0 16  U   AAA "O3'" 1 ? 
ATOM   324 C  "C2'" . U   A 1 16 ? -10.997 10.584  -16.235 1.000 18.355 0 16  U   AAA "C2'" 1 ? 
ATOM   325 O  "O2'" . U   A 1 16 ? -9.978  10.577  -17.235 1.000 19.574 0 16  U   AAA "O2'" 1 ? 
ATOM   326 C  "C1'" . U   A 1 16 ? -10.411 10.456  -14.819 1.000 15.721 0 16  U   AAA "C1'" 1 ? 
ATOM   327 N  N1    . U   A 1 16 ? -11.298 9.745   -13.847 1.000 14.493 0 16  U   AAA N1    1 ? 
ATOM   328 C  C2    . U   A 1 16 ? -11.282 8.356   -13.877 1.000 15.422 0 16  U   AAA C2    1 ? 
ATOM   329 O  O2    . U   A 1 16 ? -10.573 7.727   -14.629 1.000 16.308 0 16  U   AAA O2    1 ? 
ATOM   330 N  N3    . U   A 1 16 ? -12.101 7.747   -12.956 1.000 14.475 0 16  U   AAA N3    1 ? 
ATOM   331 C  C4    . U   A 1 16 ? -12.966 8.352   -12.062 1.000 14.278 0 16  U   AAA C4    1 ? 
ATOM   332 O  O4    . U   A 1 16 ? -13.719 7.689   -11.351 1.000 15.444 0 16  U   AAA O4    1 ? 
ATOM   333 C  C5    . U   A 1 16 ? -12.995 9.792   -12.151 1.000 14.338 0 16  U   AAA C5    1 ? 
ATOM   334 C  C6    . U   A 1 16 ? -12.164 10.419  -13.013 1.000 14.293 0 16  U   AAA C6    1 ? 
HETATM 335 SR SR    . SR  B 2 .  ? 9.635   -4.891  8.466   1.000 34.949 0 101 SR  AAA SR    1 ? 
HETATM 336 MG MG    . MG  C 3 .  ? -12.422 18.482  -13.365 1.000 44.882 0 102 MG  AAA MG    1 ? 
HETATM 337 O  O     . HOH D 4 .  ? 9.586   4.146   2.214   1.000 43.911 0 201 HOH AAA O     1 ? 
HETATM 338 O  O     . HOH D 4 .  ? 12.327  -4.270  18.159  1.000 34.986 0 202 HOH AAA O     1 ? 
HETATM 339 O  O     . HOH D 4 .  ? -15.100 17.294  -8.553  1.000 40.442 0 203 HOH AAA O     1 ? 
HETATM 340 O  O     . HOH D 4 .  ? 11.392  4.907   -1.539  1.000 39.901 0 204 HOH AAA O     1 ? 
HETATM 341 O  O     . HOH D 4 .  ? -18.834 4.498   1.053   1.000 33.095 0 205 HOH AAA O     1 ? 
HETATM 342 O  O     . HOH D 4 .  ? -12.755 4.483   -5.578  1.000 33.312 0 206 HOH AAA O     1 ? 
HETATM 343 O  O     . HOH D 4 .  ? -16.007 8.734   -5.181  1.000 39.202 0 207 HOH AAA O     1 ? 
HETATM 344 O  O     . HOH D 4 .  ? 5.328   -2.370  13.815  1.000 29.118 0 208 HOH AAA O     1 ? 
HETATM 345 O  O     . HOH D 4 .  ? 5.126   -2.815  -1.012  1.000 31.668 0 209 HOH AAA O     1 ? 
HETATM 346 O  O     . HOH D 4 .  ? 4.152   -3.461  1.437   1.000 35.398 0 210 HOH AAA O     1 ? 
HETATM 347 O  O     . HOH D 4 .  ? -0.476  -2.922  -2.438  1.000 38.100 0 211 HOH AAA O     1 ? 
HETATM 348 O  O     . HOH D 4 .  ? -11.852 8.523   4.581   1.000 28.520 0 212 HOH AAA O     1 ? 
HETATM 349 O  O     . HOH D 4 .  ? -13.514 3.095   -1.448  1.000 26.184 0 213 HOH AAA O     1 ? 
HETATM 350 O  O     . HOH D 4 .  ? 9.525   -7.999  -3.932  1.000 34.637 0 214 HOH AAA O     1 ? 
HETATM 351 O  O     . HOH D 4 .  ? -7.502  14.901  -9.487  1.000 27.398 0 215 HOH AAA O     1 ? 
HETATM 352 O  O     . HOH D 4 .  ? -15.686 8.380   -9.709  1.000 27.133 0 216 HOH AAA O     1 ? 
HETATM 353 O  O     . HOH D 4 .  ? -9.716  7.262   -17.102 1.000 37.918 0 217 HOH AAA O     1 ? 
HETATM 354 O  O     . HOH D 4 .  ? 9.552   1.084   0.461   1.000 27.544 0 218 HOH AAA O     1 ? 
HETATM 355 O  O     . HOH D 4 .  ? -19.137 11.380  -2.513  1.000 34.733 0 219 HOH AAA O     1 ? 
HETATM 356 O  O     . HOH D 4 .  ? -8.835  -5.068  -4.062  1.000 42.877 0 220 HOH AAA O     1 ? 
HETATM 357 O  O     . HOH D 4 .  ? 5.762   -0.134  -8.863  1.000 34.731 0 221 HOH AAA O     1 ? 
HETATM 358 O  O     . HOH D 4 .  ? -13.886 13.065  0.597   0.330 16.256 0 222 HOH AAA O     1 ? 
HETATM 359 O  O     . HOH D 4 .  ? -15.129 9.890   -6.880  1.000 35.956 0 223 HOH AAA O     1 ? 
HETATM 360 O  O     . HOH D 4 .  ? -14.031 -1.184  -2.626  1.000 44.035 0 224 HOH AAA O     1 ? 
HETATM 361 O  O     . HOH D 4 .  ? -7.000  2.045   -3.258  1.000 33.977 0 225 HOH AAA O     1 ? 
HETATM 362 O  O     . HOH D 4 .  ? 8.097   -3.359  5.236   1.000 37.032 0 226 HOH AAA O     1 ? 
HETATM 363 O  O     . HOH D 4 .  ? -0.922  -5.677  -5.383  1.000 39.904 0 227 HOH AAA O     1 ? 
HETATM 364 O  O     . HOH D 4 .  ? 4.930   -6.393  15.447  1.000 30.036 0 228 HOH AAA O     1 ? 
HETATM 365 O  O     . HOH D 4 .  ? 14.081  -4.283  16.863  1.000 33.677 0 229 HOH AAA O     1 ? 
HETATM 366 O  O     . HOH D 4 .  ? 5.984   -2.226  11.000  1.000 38.547 0 230 HOH AAA O     1 ? 
HETATM 367 O  O     . HOH D 4 .  ? 10.961  -7.440  11.021  1.000 39.879 0 231 HOH AAA O     1 ? 
HETATM 368 O  O     . HOH D 4 .  ? 9.010   -2.387  8.448   1.000 35.611 0 232 HOH AAA O     1 ? 
HETATM 369 O  O     . HOH D 4 .  ? 17.067  -0.044  7.988   1.000 29.305 0 233 HOH AAA O     1 ? 
HETATM 370 O  O     . HOH D 4 .  ? -14.051 17.116  -15.754 1.000 47.123 0 234 HOH AAA O     1 ? 
HETATM 371 O  O     . HOH D 4 .  ? 7.855   -1.252  0.939   1.000 30.591 0 235 HOH AAA O     1 ? 
HETATM 372 O  O     . HOH D 4 .  ? 10.345  -4.559  6.051   1.000 27.901 0 236 HOH AAA O     1 ? 
HETATM 373 O  O     . HOH D 4 .  ? 10.194  0.822   3.927   1.000 27.935 0 237 HOH AAA O     1 ? 
HETATM 374 O  O     . HOH D 4 .  ? 7.364   -3.949  -10.413 0.330 16.581 0 238 HOH AAA O     1 ? 
HETATM 375 O  O     . HOH D 4 .  ? 13.428  -8.748  9.612   1.000 25.259 0 239 HOH AAA O     1 ? 
HETATM 376 O  O     . HOH D 4 .  ? -2.273  -9.249  -10.298 1.000 41.079 0 240 HOH AAA O     1 ? 
HETATM 377 O  O     . HOH D 4 .  ? -8.976  -5.167  4.233   1.000 35.898 0 241 HOH AAA O     1 ? 
HETATM 378 O  O     . HOH D 4 .  ? 15.260  -0.391  13.542  1.000 27.991 0 242 HOH AAA O     1 ? 
HETATM 379 O  O     . HOH D 4 .  ? 10.283  -1.495  6.414   1.000 30.946 0 243 HOH AAA O     1 ? 
HETATM 380 O  O     . HOH D 4 .  ? -13.598 17.381  -6.433  1.000 41.961 0 244 HOH AAA O     1 ? 
HETATM 381 O  O     . HOH D 4 .  ? 8.995   -4.149  10.802  1.000 27.105 0 245 HOH AAA O     1 ? 
HETATM 382 O  O     . HOH D 4 .  ? 4.378   -9.605  -9.127  1.000 27.429 0 246 HOH AAA O     1 ? 
HETATM 383 O  O     . HOH D 4 .  ? -13.456 10.888  -19.146 1.000 35.890 0 247 HOH AAA O     1 ? 
HETATM 384 O  O     . HOH D 4 .  ? -16.233 14.222  -0.997  0.330 21.281 0 248 HOH AAA O     1 ? 
HETATM 385 O  O     . HOH D 4 .  ? -7.059  12.293  -6.587  1.000 39.635 0 249 HOH AAA O     1 ? 
HETATM 386 O  O     . HOH D 4 .  ? -14.849 12.163  -10.478 1.000 26.316 0 250 HOH AAA O     1 ? 
HETATM 387 O  O     . HOH D 4 .  ? -18.135 7.901   -1.595  1.000 20.772 0 251 HOH AAA O     1 ? 
HETATM 388 O  O     . HOH D 4 .  ? -14.748 6.536   -2.685  1.000 29.937 0 252 HOH AAA O     1 ? 
HETATM 389 O  O     . HOH D 4 .  ? 2.637   -4.124  -3.968  1.000 39.213 0 253 HOH AAA O     1 ? 
HETATM 390 O  O     . HOH D 4 .  ? -10.562 0.453   -1.528  1.000 25.493 0 254 HOH AAA O     1 ? 
HETATM 391 O  O     . HOH D 4 .  ? -10.950 -1.917  -3.218  1.000 37.234 0 255 HOH AAA O     1 ? 
HETATM 392 O  O     . HOH D 4 .  ? 10.321  1.788   15.110  1.000 34.252 0 256 HOH AAA O     1 ? 
HETATM 393 O  O     . HOH D 4 .  ? 19.012  0.625   3.257   1.000 32.970 0 257 HOH AAA O     1 ? 
HETATM 394 O  O     . HOH D 4 .  ? -3.963  -3.375  -3.930  1.000 30.291 0 258 HOH AAA O     1 ? 
HETATM 395 O  O     . HOH D 4 .  ? 9.932   -5.215  -8.669  0.330 25.479 0 259 HOH AAA O     1 ? 
HETATM 396 O  O     . HOH D 4 .  ? -10.831 11.560  2.672   0.330 28.530 0 260 HOH AAA O     1 ? 
HETATM 397 O  O     . HOH D 4 .  ? 11.113  -6.335  9.337   1.000 35.395 0 261 HOH AAA O     1 ? 
HETATM 398 O  O     . HOH D 4 .  ? -10.951 2.356   -3.667  1.000 32.189 0 262 HOH AAA O     1 ? 
HETATM 399 O  O     . HOH D 4 .  ? -4.951  -5.790  -5.122  1.000 41.025 0 263 HOH AAA O     1 ? 
HETATM 400 O  O     . HOH D 4 .  ? 16.780  3.905   0.859   1.000 30.661 0 264 HOH AAA O     1 ? 
HETATM 401 O  O     . HOH D 4 .  ? -6.290  -1.292  -4.703  1.000 45.833 0 265 HOH AAA O     1 ? 
HETATM 402 O  O     . HOH D 4 .  ? 15.315  -11.457 10.735  1.000 46.191 0 266 HOH AAA O     1 ? 
HETATM 403 O  O     . HOH D 4 .  ? -14.397 7.159   -7.282  1.000 24.944 0 267 HOH AAA O     1 ? 
HETATM 404 O  O     . HOH D 4 .  ? 12.621  4.076   -4.336  1.000 39.385 0 268 HOH AAA O     1 ? 
HETATM 405 O  O     . HOH D 4 .  ? 0.051   -8.344  -10.890 1.000 49.223 0 269 HOH AAA O     1 ? 
HETATM 406 O  O     . HOH D 4 .  ? 7.850   -6.577  9.428   1.000 35.298 0 270 HOH AAA O     1 ? 
HETATM 407 O  O     . HOH D 4 .  ? 6.110   -0.479  -1.345  1.000 36.643 0 271 HOH AAA O     1 ? 
HETATM 408 O  O     . HOH D 4 .  ? -10.973 19.639  -11.833 1.000 27.536 0 272 HOH AAA O     1 ? 
HETATM 409 O  O     . HOH D 4 .  ? -5.356  0.543   -6.019  1.000 37.272 0 273 HOH AAA O     1 ? 
# 
